data_3NP6
# 
_entry.id   3NP6 
# 
_audit_conform.dict_name       mmcif_pdbx.dic 
_audit_conform.dict_version    5.380 
_audit_conform.dict_location   http://mmcif.pdb.org/dictionaries/ascii/mmcif_pdbx.dic 
# 
loop_
_database_2.database_id 
_database_2.database_code 
_database_2.pdbx_database_accession 
_database_2.pdbx_DOI 
PDB   3NP6         pdb_00003np6 10.2210/pdb3np6/pdb 
NDB   NA0614       ?            ?                   
RCSB  RCSB060105   ?            ?                   
WWPDB D_1000060105 ?            ?                   
# 
_pdbx_database_related.db_name        PDB 
_pdbx_database_related.db_id          3NX5 
_pdbx_database_related.details        . 
_pdbx_database_related.content_type   unspecified 
# 
_pdbx_database_status.entry_id                        3NP6 
_pdbx_database_status.status_code                     REL 
_pdbx_database_status.deposit_site                    RCSB 
_pdbx_database_status.process_site                    PDBJ 
_pdbx_database_status.recvd_initial_deposition_date   2010-06-28 
_pdbx_database_status.status_code_sf                  REL 
_pdbx_database_status.status_code_mr                  ? 
_pdbx_database_status.SG_entry                        ? 
_pdbx_database_status.status_code_cs                  ? 
_pdbx_database_status.methods_development_category    ? 
_pdbx_database_status.pdb_format_compatible           Y 
_pdbx_database_status.status_code_nmr_data            ? 
# 
loop_
_audit_author.name 
_audit_author.pdbx_ordinal 
'Ferraroni, M.'   1 
'Bazzicalupi, C.' 2 
'Gratteri, P.'    3 
'Bilia, A.R.'     4 
# 
_citation.id                        primary 
_citation.title                     
;X-Ray diffraction analyses of the natural isoquinoline alkaloids Berberine and Sanguinarine complexed with double helix DNA d(CGTACG)
;
_citation.journal_abbrev            'Chem.Commun.(Camb.)' 
_citation.journal_volume            47 
_citation.page_first                4917 
_citation.page_last                 4919 
_citation.year                      2011 
_citation.journal_id_ASTM           ? 
_citation.country                   UK 
_citation.journal_id_ISSN           1359-7345 
_citation.journal_id_CSD            ? 
_citation.book_publisher            ? 
_citation.pdbx_database_id_PubMed   21431128 
_citation.pdbx_database_id_DOI      10.1039/c1cc10971e 
# 
loop_
_citation_author.citation_id 
_citation_author.name 
_citation_author.ordinal 
_citation_author.identifier_ORCID 
primary 'Ferraroni, M.'   1 ? 
primary 'Bazzicalupi, C.' 2 ? 
primary 'Bilia, A.R.'     3 ? 
primary 'Gratteri, P.'    4 ? 
# 
_cell.length_a           30.370 
_cell.length_b           30.370 
_cell.length_c           118.260 
_cell.angle_alpha        90.000 
_cell.angle_beta         90.000 
_cell.angle_gamma        120.000 
_cell.entry_id           3NP6 
_cell.pdbx_unique_axis   ? 
_cell.Z_PDB              24 
_cell.length_a_esd       ? 
_cell.length_b_esd       ? 
_cell.length_c_esd       ? 
_cell.angle_alpha_esd    ? 
_cell.angle_beta_esd     ? 
_cell.angle_gamma_esd    ? 
# 
_symmetry.space_group_name_H-M             'P 32 2 1' 
_symmetry.entry_id                         3NP6 
_symmetry.Int_Tables_number                154 
_symmetry.pdbx_full_space_group_name_H-M   ? 
_symmetry.cell_setting                     ? 
_symmetry.space_group_name_Hall            ? 
# 
loop_
_entity.id 
_entity.type 
_entity.src_method 
_entity.pdbx_description 
_entity.formula_weight 
_entity.pdbx_number_of_molecules 
_entity.pdbx_ec 
_entity.pdbx_mutation 
_entity.pdbx_fragment 
_entity.details 
1 polymer     syn "5'-D(*CP*GP*TP*AP*CP*G)-3'" 1809.217 4 ? ? ? ? 
2 non-polymer syn 'CALCIUM ION'                40.078   1 ? ? ? ? 
3 non-polymer syn BERBERINE                    336.361  1 ? ? ? ? 
4 water       nat water                        18.015   1 ? ? ? ? 
# 
_entity_poly.entity_id                      1 
_entity_poly.type                           polydeoxyribonucleotide 
_entity_poly.nstd_linkage                   no 
_entity_poly.nstd_monomer                   no 
_entity_poly.pdbx_seq_one_letter_code       '(DC)(DG)(DT)(DA)(DC)(DG)' 
_entity_poly.pdbx_seq_one_letter_code_can   CGTACG 
_entity_poly.pdbx_strand_id                 A,B,C,D 
_entity_poly.pdbx_target_identifier         ? 
# 
loop_
_entity_poly_seq.entity_id 
_entity_poly_seq.num 
_entity_poly_seq.mon_id 
_entity_poly_seq.hetero 
1 1 DC n 
1 2 DG n 
1 3 DT n 
1 4 DA n 
1 5 DC n 
1 6 DG n 
# 
_pdbx_entity_src_syn.entity_id              1 
_pdbx_entity_src_syn.pdbx_src_id            1 
_pdbx_entity_src_syn.pdbx_alt_source_flag   sample 
_pdbx_entity_src_syn.pdbx_beg_seq_num       ? 
_pdbx_entity_src_syn.pdbx_end_seq_num       ? 
_pdbx_entity_src_syn.organism_scientific    ? 
_pdbx_entity_src_syn.organism_common_name   ? 
_pdbx_entity_src_syn.ncbi_taxonomy_id       ? 
_pdbx_entity_src_syn.details                'Synthetic DNA' 
# 
_struct_ref.id                         1 
_struct_ref.db_name                    PDB 
_struct_ref.db_code                    3NP6 
_struct_ref.pdbx_db_accession          3NP6 
_struct_ref.entity_id                  1 
_struct_ref.pdbx_align_begin           ? 
_struct_ref.pdbx_seq_one_letter_code   ? 
_struct_ref.pdbx_db_isoform            ? 
# 
loop_
_struct_ref_seq.align_id 
_struct_ref_seq.ref_id 
_struct_ref_seq.pdbx_PDB_id_code 
_struct_ref_seq.pdbx_strand_id 
_struct_ref_seq.seq_align_beg 
_struct_ref_seq.pdbx_seq_align_beg_ins_code 
_struct_ref_seq.seq_align_end 
_struct_ref_seq.pdbx_seq_align_end_ins_code 
_struct_ref_seq.pdbx_db_accession 
_struct_ref_seq.db_align_beg 
_struct_ref_seq.pdbx_db_align_beg_ins_code 
_struct_ref_seq.db_align_end 
_struct_ref_seq.pdbx_db_align_end_ins_code 
_struct_ref_seq.pdbx_auth_seq_align_beg 
_struct_ref_seq.pdbx_auth_seq_align_end 
1 1 3NP6 A 1 ? 6 ? 3NP6 1 ? 6  ? 1 6  
2 1 3NP6 B 1 ? 6 ? 3NP6 7 ? 12 ? 7 12 
3 1 3NP6 C 1 ? 6 ? 3NP6 1 ? 6  ? 1 6  
4 1 3NP6 D 1 ? 6 ? 3NP6 7 ? 12 ? 7 12 
# 
loop_
_chem_comp.id 
_chem_comp.type 
_chem_comp.mon_nstd_flag 
_chem_comp.name 
_chem_comp.pdbx_synonyms 
_chem_comp.formula 
_chem_comp.formula_weight 
BER non-polymer   . BERBERINE                            ? 'C20 H18 N O4 1'  336.361 
CA  non-polymer   . 'CALCIUM ION'                        ? 'Ca 2'            40.078  
DA  'DNA linking' y "2'-DEOXYADENOSINE-5'-MONOPHOSPHATE" ? 'C10 H14 N5 O6 P' 331.222 
DC  'DNA linking' y "2'-DEOXYCYTIDINE-5'-MONOPHOSPHATE"  ? 'C9 H14 N3 O7 P'  307.197 
DG  'DNA linking' y "2'-DEOXYGUANOSINE-5'-MONOPHOSPHATE" ? 'C10 H14 N5 O7 P' 347.221 
DT  'DNA linking' y "THYMIDINE-5'-MONOPHOSPHATE"         ? 'C10 H15 N2 O8 P' 322.208 
HOH non-polymer   . WATER                                ? 'H2 O'            18.015  
# 
_exptl.crystals_number   1 
_exptl.entry_id          3NP6 
_exptl.method            'X-RAY DIFFRACTION' 
# 
_exptl_crystal.id                    1 
_exptl_crystal.pdbx_mosaicity        ? 
_exptl_crystal.pdbx_mosaicity_esd    ? 
_exptl_crystal.density_Matthews      2.18 
_exptl_crystal.density_diffrn        ? 
_exptl_crystal.density_meas          ? 
_exptl_crystal.density_meas_temp     ? 
_exptl_crystal.density_percent_sol   43.46 
_exptl_crystal.size_max              ? 
_exptl_crystal.size_mid              ? 
_exptl_crystal.size_min              ? 
_exptl_crystal.size_rad              ? 
_exptl_crystal.description           ? 
_exptl_crystal.F_000                 ? 
_exptl_crystal.preparation           ? 
# 
_exptl_crystal_grow.crystal_id      1 
_exptl_crystal_grow.method          'VAPOR DIFFUSION' 
_exptl_crystal_grow.pH              6.5 
_exptl_crystal_grow.temp            296 
_exptl_crystal_grow.pdbx_details    'MPD, MgCl2, NaCl, pH 6.5, vapor diffusion, temperature 296K' 
_exptl_crystal_grow.temp_details    ? 
_exptl_crystal_grow.pdbx_pH_range   ? 
# 
_diffrn.id                     1 
_diffrn.ambient_temp           100 
_diffrn.ambient_temp_details   ? 
_diffrn.crystal_id             1 
# 
_diffrn_detector.diffrn_id              1 
_diffrn_detector.detector               CCD 
_diffrn_detector.type                   'OXFORD ONYX CCD' 
_diffrn_detector.pdbx_collection_date   2010-01-22 
_diffrn_detector.details                ? 
# 
_diffrn_radiation.diffrn_id                        1 
_diffrn_radiation.pdbx_diffrn_protocol             'SINGLE WAVELENGTH' 
_diffrn_radiation.monochromator                    ? 
_diffrn_radiation.wavelength_id                    1 
_diffrn_radiation.pdbx_monochromatic_or_laue_m_l   M 
_diffrn_radiation.pdbx_scattering_type             x-ray 
# 
_diffrn_radiation_wavelength.id           1 
_diffrn_radiation_wavelength.wavelength   1.542 
_diffrn_radiation_wavelength.wt           1.0 
# 
_diffrn_source.diffrn_id                   1 
_diffrn_source.source                      'SEALED TUBE' 
_diffrn_source.type                        'OXFORD DIFFRACTION ENHANCE ULTRA' 
_diffrn_source.pdbx_wavelength_list        1.542 
_diffrn_source.pdbx_wavelength             ? 
_diffrn_source.pdbx_synchrotron_site       ? 
_diffrn_source.pdbx_synchrotron_beamline   ? 
# 
_reflns.entry_id                     3NP6 
_reflns.d_resolution_high            2.300 
_reflns.number_obs                   3159 
_reflns.pdbx_Rmerge_I_obs            0.076 
_reflns.pdbx_netI_over_sigmaI        29.040 
_reflns.percent_possible_obs         100.000 
_reflns.B_iso_Wilson_estimate        43.450 
_reflns.observed_criterion_sigma_I   -3.000 
_reflns.observed_criterion_sigma_F   ? 
_reflns.d_resolution_low             39.4200 
_reflns.number_all                   ? 
_reflns.pdbx_Rsym_value              0.076 
_reflns.pdbx_redundancy              ? 
_reflns.R_free_details               ? 
_reflns.limit_h_max                  ? 
_reflns.limit_h_min                  ? 
_reflns.limit_k_max                  ? 
_reflns.limit_k_min                  ? 
_reflns.limit_l_max                  ? 
_reflns.limit_l_min                  ? 
_reflns.observed_criterion_F_max     ? 
_reflns.observed_criterion_F_min     ? 
_reflns.pdbx_chi_squared             ? 
_reflns.pdbx_scaling_rejects         ? 
_reflns.pdbx_ordinal                 1 
_reflns.pdbx_diffrn_id               1 
# 
loop_
_reflns_shell.d_res_high 
_reflns_shell.d_res_low 
_reflns_shell.number_measured_obs 
_reflns_shell.number_measured_all 
_reflns_shell.number_unique_obs 
_reflns_shell.pdbx_rejects 
_reflns_shell.Rmerge_I_obs 
_reflns_shell.meanI_over_sigI_obs 
_reflns_shell.pdbx_Rsym_value 
_reflns_shell.pdbx_chi_squared 
_reflns_shell.pdbx_redundancy 
_reflns_shell.percent_possible_obs 
_reflns_shell.pdbx_netI_over_sigmaI_obs 
_reflns_shell.number_possible 
_reflns_shell.number_unique_all 
_reflns_shell.Rmerge_F_all 
_reflns_shell.Rmerge_F_obs 
_reflns_shell.Rmerge_I_all 
_reflns_shell.meanI_over_sigI_all 
_reflns_shell.percent_possible_all 
_reflns_shell.pdbx_Rrim_I_all 
_reflns_shell.pdbx_Rpim_I_all 
_reflns_shell.pdbx_ordinal 
_reflns_shell.pdbx_diffrn_id 
2.300  2.400  7573  ? 653  ? 0.558 4.8  ? ? ? ? ? 654  ? ? 0.325 ? ? 99.800  0.584 ? 1  1 
2.400  2.600  17213 ? 1019 ? 0.384 9.1  ? ? ? ? ? 1019 ? ? 0.153 ? ? 100.000 0.396 ? 2  1 
2.600  2.800  14237 ? 738  ? 0.220 14.8 ? ? ? ? ? 738  ? ? 0.085 ? ? 100.000 0.226 ? 3  1 
2.800  2.900  6047  ? 291  ? 0.177 18.7 ? ? ? ? ? 291  ? ? 0.060 ? ? 100.000 0.181 ? 4  1 
2.900  3.000  5761  ? 273  ? 0.139 23.9 ? ? ? ? ? 273  ? ? 0.049 ? ? 100.000 0.142 ? 5  1 
3.000  3.120  5891  ? 277  ? 0.104 29.6 ? ? ? ? ? 277  ? ? 0.038 ? ? 100.000 0.106 ? 6  1 
3.120  3.270  6092  ? 278  ? 0.065 41.4 ? ? ? ? ? 278  ? ? 0.020 ? ? 100.000 0.067 ? 7  1 
3.270  3.440  5881  ? 272  ? 0.059 46.1 ? ? ? ? ? 272  ? ? 0.018 ? ? 100.000 0.061 ? 8  1 
3.440  3.650  5846  ? 263  ? 0.054 51.3 ? ? ? ? ? 263  ? ? 0.015 ? ? 100.000 0.056 ? 9  1 
3.650  3.940  6152  ? 277  ? 0.060 52.3 ? ? ? ? ? 277  ? ? 0.017 ? ? 100.000 0.061 ? 10 1 
3.940  4.330  6018  ? 285  ? 0.056 55.2 ? ? ? ? ? 285  ? ? 0.015 ? ? 100.000 0.057 ? 11 1 
4.330  4.960  5571  ? 259  ? 0.056 55.4 ? ? ? ? ? 259  ? ? 0.017 ? ? 100.000 0.058 ? 12 1 
4.960  6.250  5776  ? 272  ? 0.057 56.4 ? ? ? ? ? 272  ? ? 0.015 ? ? 100.000 0.058 ? 13 1 
6.250  10.000 4592  ? 211  ? 0.049 61.8 ? ? ? ? ? 211  ? ? 0.013 ? ? 100.000 0.050 ? 14 1 
10.000 15.000 863   ? 38   ? 0.041 64.6 ? ? ? ? ? 38   ? ? 0.010 ? ? 100.000 0.041 ? 15 1 
15.000 39.420 351   ? 19   ? 0.030 61.0 ? ? ? ? ? 19   ? ? 0.010 ? ? 100.000 0.031 ? 16 1 
# 
_refine.entry_id                                 3NP6 
_refine.ls_d_res_high                            2.3000 
_refine.ls_d_res_low                             39.4200 
_refine.pdbx_ls_sigma_F                          ? 
_refine.pdbx_data_cutoff_high_absF               ? 
_refine.pdbx_data_cutoff_low_absF                ? 
_refine.ls_percent_reflns_obs                    99.9400 
_refine.ls_number_reflns_obs                     3153 
_refine.ls_number_reflns_all                     ? 
_refine.pdbx_ls_cross_valid_method               THROUGHOUT 
_refine.pdbx_R_Free_selection_details            RANDOM 
_refine.details                                  ? 
_refine.ls_R_factor_all                          ? 
_refine.ls_R_factor_obs                          0.2387 
_refine.ls_R_factor_R_work                       0.2361 
_refine.ls_wR_factor_R_work                      0.2204 
_refine.ls_R_factor_R_free                       0.3014 
_refine.ls_wR_factor_R_free                      0.2752 
_refine.ls_percent_reflns_R_free                 4.4000 
_refine.ls_number_reflns_R_free                  139 
_refine.ls_R_factor_R_free_error                 ? 
_refine.B_iso_mean                               18.1113 
_refine.solvent_model_param_bsol                 ? 
_refine.solvent_model_param_ksol                 ? 
_refine.pdbx_isotropic_thermal_model             ? 
_refine.aniso_B[1][1]                            ? 
_refine.aniso_B[2][2]                            ? 
_refine.aniso_B[3][3]                            ? 
_refine.aniso_B[1][2]                            ? 
_refine.aniso_B[1][3]                            ? 
_refine.aniso_B[2][3]                            ? 
_refine.correlation_coeff_Fo_to_Fc               0.9380 
_refine.correlation_coeff_Fo_to_Fc_free          0.8820 
_refine.overall_SU_R_Cruickshank_DPI             0.0769 
_refine.overall_SU_R_free                        0.0594 
_refine.pdbx_overall_ESU_R_Free                  0.0590 
_refine.overall_SU_ML                            0.2120 
_refine.overall_SU_B                             ? 
_refine.solvent_model_details                    'BABINET MODEL WITH MASK' 
_refine.pdbx_solvent_vdw_probe_radii             1.4000 
_refine.pdbx_solvent_ion_probe_radii             0.8000 
_refine.pdbx_solvent_shrinkage_radii             0.8000 
_refine.ls_number_parameters                     ? 
_refine.ls_number_restraints                     ? 
_refine.pdbx_starting_model                      'PDB ENTRY 1XCS' 
_refine.pdbx_method_to_determine_struct          'MOLECULAR REPLACEMENT' 
_refine.pdbx_stereochemistry_target_values       'MAXIMUM LIKELIHOOD' 
_refine.pdbx_stereochem_target_val_spec_case     ? 
_refine.overall_FOM_work_R_set                   0.7005 
_refine.B_iso_max                                36.440 
_refine.B_iso_min                                2.000 
_refine.occupancy_max                            1.000 
_refine.occupancy_min                            1.000 
_refine.pdbx_ls_sigma_I                          ? 
_refine.ls_redundancy_reflns_obs                 ? 
_refine.ls_R_factor_R_free_error_details         ? 
_refine.pdbx_data_cutoff_high_rms_absF           ? 
_refine.overall_FOM_free_R_set                   ? 
_refine.pdbx_overall_phase_error                 ? 
_refine.pdbx_refine_id                           'X-RAY DIFFRACTION' 
_refine.pdbx_overall_ESU_R                       ? 
_refine.pdbx_diffrn_id                           1 
_refine.pdbx_TLS_residual_ADP_flag               ? 
_refine.pdbx_overall_SU_R_free_Cruickshank_DPI   ? 
_refine.pdbx_overall_SU_R_Blow_DPI               ? 
_refine.pdbx_overall_SU_R_free_Blow_DPI          ? 
# 
_refine_hist.pdbx_refine_id                   'X-RAY DIFFRACTION' 
_refine_hist.cycle_id                         LAST 
_refine_hist.pdbx_number_atoms_protein        0 
_refine_hist.pdbx_number_atoms_nucleic_acid   450 
_refine_hist.pdbx_number_atoms_ligand         26 
_refine_hist.number_atoms_solvent             1 
_refine_hist.number_atoms_total               477 
_refine_hist.d_res_high                       2.3000 
_refine_hist.d_res_low                        39.4200 
# 
loop_
_refine_ls_restr.type 
_refine_ls_restr.number 
_refine_ls_restr.dev_ideal 
_refine_ls_restr.dev_ideal_target 
_refine_ls_restr.weight 
_refine_ls_restr.pdbx_refine_id 
_refine_ls_restr.pdbx_restraint_function 
r_bond_refined_d                        531 0.007 0.021 ? 'X-RAY DIFFRACTION' ? 
r_angle_refined_deg                     813 1.842 3.000 ? 'X-RAY DIFFRACTION' ? 
;CHIRAL-CENTER RESTRAINTS       (A'*3)
;
87  0.091 0.200 ? 'X-RAY DIFFRACTION' ? 
r_gen_planes_refined                    258 0.007 0.020 ? 'X-RAY DIFFRACTION' ? 
;MAIN-CHAIN BOND REFINED ATOMS  (A'*2)
;
3   0.189 1.500 ? 'X-RAY DIFFRACTION' ? 
;MAIN-CHAIN ANGLE REFINED ATOMS (A'*2)
;
4   0.358 2.000 ? 'X-RAY DIFFRACTION' ? 
;SIDE-CHAIN BOND REFINED ATOMS  (A'*2)
;
528 1.454 3.000 ? 'X-RAY DIFFRACTION' ? 
;SIDE-CHAIN ANGLE REFINED ATOMS (A'*2)
;
809 2.547 4.500 ? 'X-RAY DIFFRACTION' ? 
# 
_refine_ls_shell.d_res_high                       2.3000 
_refine_ls_shell.d_res_low                        2.3600 
_refine_ls_shell.pdbx_total_number_of_bins_used   20 
_refine_ls_shell.percent_reflns_obs               99.5400 
_refine_ls_shell.number_reflns_R_work             212 
_refine_ls_shell.R_factor_all                     ? 
_refine_ls_shell.R_factor_R_work                  0.4410 
_refine_ls_shell.R_factor_R_free                  0.3850 
_refine_ls_shell.percent_reflns_R_free            ? 
_refine_ls_shell.number_reflns_R_free             6 
_refine_ls_shell.R_factor_R_free_error            ? 
_refine_ls_shell.number_reflns_all                218 
_refine_ls_shell.number_reflns_obs                ? 
_refine_ls_shell.pdbx_refine_id                   'X-RAY DIFFRACTION' 
_refine_ls_shell.redundancy_reflns_obs            ? 
# 
_struct.entry_id                  3NP6 
_struct.title                     'The crystal structure of Berberine bound to DNA d(CGTACG)' 
_struct.pdbx_model_details        ? 
_struct.pdbx_CASP_flag            ? 
_struct.pdbx_model_type_details   ? 
# 
_struct_keywords.entry_id        3NP6 
_struct_keywords.text            'DRUG-DNA COMPLEX, DOUBLE HELIX, B-DNA, DNA' 
_struct_keywords.pdbx_keywords   DNA 
# 
loop_
_struct_asym.id 
_struct_asym.pdbx_blank_PDB_chainid_flag 
_struct_asym.pdbx_modified 
_struct_asym.entity_id 
_struct_asym.details 
A N N 1 ? 
B N N 1 ? 
C N N 1 ? 
D N N 1 ? 
E N N 2 ? 
F N N 3 ? 
G N N 4 ? 
# 
_struct_biol.id        1 
_struct_biol.details   ? 
# 
loop_
_struct_conn.id 
_struct_conn.conn_type_id 
_struct_conn.pdbx_leaving_atom_flag 
_struct_conn.pdbx_PDB_id 
_struct_conn.ptnr1_label_asym_id 
_struct_conn.ptnr1_label_comp_id 
_struct_conn.ptnr1_label_seq_id 
_struct_conn.ptnr1_label_atom_id 
_struct_conn.pdbx_ptnr1_label_alt_id 
_struct_conn.pdbx_ptnr1_PDB_ins_code 
_struct_conn.pdbx_ptnr1_standard_comp_id 
_struct_conn.ptnr1_symmetry 
_struct_conn.ptnr2_label_asym_id 
_struct_conn.ptnr2_label_comp_id 
_struct_conn.ptnr2_label_seq_id 
_struct_conn.ptnr2_label_atom_id 
_struct_conn.pdbx_ptnr2_label_alt_id 
_struct_conn.pdbx_ptnr2_PDB_ins_code 
_struct_conn.ptnr1_auth_asym_id 
_struct_conn.ptnr1_auth_comp_id 
_struct_conn.ptnr1_auth_seq_id 
_struct_conn.ptnr2_auth_asym_id 
_struct_conn.ptnr2_auth_comp_id 
_struct_conn.ptnr2_auth_seq_id 
_struct_conn.ptnr2_symmetry 
_struct_conn.pdbx_ptnr3_label_atom_id 
_struct_conn.pdbx_ptnr3_label_seq_id 
_struct_conn.pdbx_ptnr3_label_comp_id 
_struct_conn.pdbx_ptnr3_label_asym_id 
_struct_conn.pdbx_ptnr3_label_alt_id 
_struct_conn.pdbx_ptnr3_PDB_ins_code 
_struct_conn.details 
_struct_conn.pdbx_dist_value 
_struct_conn.pdbx_value_order 
_struct_conn.pdbx_role 
metalc1  metalc ? ? E CA . CA ? ? ? 1_555 B DG 6 OP1 ? ? B CA 1  B DG 12 1_555 ? ? ? ? ? ? ?            2.162 ? ? 
metalc2  metalc ? ? E CA . CA ? ? ? 1_555 D DG 6 OP1 ? ? B CA 1  D DG 12 1_555 ? ? ? ? ? ? ?            2.464 ? ? 
hydrog1  hydrog ? ? A DG 2 N1 ? ? ? 1_555 B DC 5 N3  ? ? A DG 2  B DC 11 1_555 ? ? ? ? ? ? WATSON-CRICK ?     ? ? 
hydrog2  hydrog ? ? A DG 2 N2 ? ? ? 1_555 B DC 5 O2  ? ? A DG 2  B DC 11 1_555 ? ? ? ? ? ? WATSON-CRICK ?     ? ? 
hydrog3  hydrog ? ? A DG 2 O6 ? ? ? 1_555 B DC 5 N4  ? ? A DG 2  B DC 11 1_555 ? ? ? ? ? ? WATSON-CRICK ?     ? ? 
hydrog4  hydrog ? ? A DG 2 N2 ? ? ? 1_555 D DG 6 N3  ? ? A DG 2  D DG 12 1_555 ? ? ? ? ? ? TYPE_4_PAIR  ?     ? ? 
hydrog5  hydrog ? ? A DG 2 N3 ? ? ? 1_555 D DG 6 N2  ? ? A DG 2  D DG 12 1_555 ? ? ? ? ? ? TYPE_4_PAIR  ?     ? ? 
hydrog6  hydrog ? ? A DT 3 N3 ? ? ? 1_555 B DA 4 N1  ? ? A DT 3  B DA 10 1_555 ? ? ? ? ? ? WATSON-CRICK ?     ? ? 
hydrog7  hydrog ? ? A DT 3 O4 ? ? ? 1_555 B DA 4 N6  ? ? A DT 3  B DA 10 1_555 ? ? ? ? ? ? WATSON-CRICK ?     ? ? 
hydrog8  hydrog ? ? A DA 4 N1 ? ? ? 1_555 B DT 3 N3  ? ? A DA 4  B DT 9  1_555 ? ? ? ? ? ? WATSON-CRICK ?     ? ? 
hydrog9  hydrog ? ? A DA 4 N6 ? ? ? 1_555 B DT 3 O4  ? ? A DA 4  B DT 9  1_555 ? ? ? ? ? ? WATSON-CRICK ?     ? ? 
hydrog10 hydrog ? ? A DC 5 N3 ? ? ? 1_555 B DG 2 N1  ? ? A DC 5  B DG 8  1_555 ? ? ? ? ? ? WATSON-CRICK ?     ? ? 
hydrog11 hydrog ? ? A DC 5 N4 ? ? ? 1_555 B DG 2 O6  ? ? A DC 5  B DG 8  1_555 ? ? ? ? ? ? WATSON-CRICK ?     ? ? 
hydrog12 hydrog ? ? A DC 5 O2 ? ? ? 1_555 B DG 2 N2  ? ? A DC 5  B DG 8  1_555 ? ? ? ? ? ? WATSON-CRICK ?     ? ? 
hydrog13 hydrog ? ? B DG 6 N2 ? ? ? 1_555 C DG 2 N3  ? ? B DG 12 C DG 2  1_555 ? ? ? ? ? ? TYPE_4_PAIR  ?     ? ? 
hydrog14 hydrog ? ? B DG 6 N3 ? ? ? 1_555 C DG 2 N2  ? ? B DG 12 C DG 2  1_555 ? ? ? ? ? ? TYPE_4_PAIR  ?     ? ? 
hydrog15 hydrog ? ? C DG 2 N1 ? ? ? 1_555 D DC 5 N3  ? ? C DG 2  D DC 11 1_555 ? ? ? ? ? ? WATSON-CRICK ?     ? ? 
hydrog16 hydrog ? ? C DG 2 N2 ? ? ? 1_555 D DC 5 O2  ? ? C DG 2  D DC 11 1_555 ? ? ? ? ? ? WATSON-CRICK ?     ? ? 
hydrog17 hydrog ? ? C DG 2 O6 ? ? ? 1_555 D DC 5 N4  ? ? C DG 2  D DC 11 1_555 ? ? ? ? ? ? WATSON-CRICK ?     ? ? 
hydrog18 hydrog ? ? C DT 3 N3 ? ? ? 1_555 D DA 4 N1  ? ? C DT 3  D DA 10 1_555 ? ? ? ? ? ? WATSON-CRICK ?     ? ? 
hydrog19 hydrog ? ? C DT 3 O4 ? ? ? 1_555 D DA 4 N6  ? ? C DT 3  D DA 10 1_555 ? ? ? ? ? ? WATSON-CRICK ?     ? ? 
hydrog20 hydrog ? ? C DA 4 N1 ? ? ? 1_555 D DT 3 N3  ? ? C DA 4  D DT 9  1_555 ? ? ? ? ? ? WATSON-CRICK ?     ? ? 
hydrog21 hydrog ? ? C DA 4 N6 ? ? ? 1_555 D DT 3 O4  ? ? C DA 4  D DT 9  1_555 ? ? ? ? ? ? WATSON-CRICK ?     ? ? 
hydrog22 hydrog ? ? C DC 5 N3 ? ? ? 1_555 D DG 2 N1  ? ? C DC 5  D DG 8  1_555 ? ? ? ? ? ? WATSON-CRICK ?     ? ? 
hydrog23 hydrog ? ? C DC 5 N4 ? ? ? 1_555 D DG 2 O6  ? ? C DC 5  D DG 8  1_555 ? ? ? ? ? ? WATSON-CRICK ?     ? ? 
hydrog24 hydrog ? ? C DC 5 O2 ? ? ? 1_555 D DG 2 N2  ? ? C DC 5  D DG 8  1_555 ? ? ? ? ? ? WATSON-CRICK ?     ? ? 
# 
loop_
_struct_conn_type.id 
_struct_conn_type.criteria 
_struct_conn_type.reference 
metalc ? ? 
hydrog ? ? 
# 
loop_
_struct_site.id 
_struct_site.pdbx_evidence_code 
_struct_site.pdbx_auth_asym_id 
_struct_site.pdbx_auth_comp_id 
_struct_site.pdbx_auth_seq_id 
_struct_site.pdbx_auth_ins_code 
_struct_site.pdbx_num_residues 
_struct_site.details 
AC1 Software C BER 7 ? 8 'BINDING SITE FOR RESIDUE BER C 7' 
AC2 Software B CA  1 ? 3 'BINDING SITE FOR RESIDUE CA B 1'  
1   ?        ? ?   ? ? ? ?                                  
# 
loop_
_struct_site_gen.id 
_struct_site_gen.site_id 
_struct_site_gen.pdbx_num_res 
_struct_site_gen.label_comp_id 
_struct_site_gen.label_asym_id 
_struct_site_gen.label_seq_id 
_struct_site_gen.pdbx_auth_ins_code 
_struct_site_gen.auth_comp_id 
_struct_site_gen.auth_asym_id 
_struct_site_gen.auth_seq_id 
_struct_site_gen.label_atom_id 
_struct_site_gen.label_alt_id 
_struct_site_gen.symmetry 
_struct_site_gen.details 
1  AC1 8 DC A 5 ? DC A 5  . ? 1_665 ? 
2  AC1 8 DG A 6 ? DG A 6  . ? 1_665 ? 
3  AC1 8 DC B 1 ? DC B 7  . ? 5_665 ? 
4  AC1 8 DG B 2 ? DG B 8  . ? 1_665 ? 
5  AC1 8 DC C 5 ? DC C 5  . ? 1_555 ? 
6  AC1 8 DG C 6 ? DG C 6  . ? 1_555 ? 
7  AC1 8 DC D 1 ? DC D 7  . ? 5_675 ? 
8  AC1 8 DG D 2 ? DG D 8  . ? 1_555 ? 
9  AC2 3 DG B 6 ? DG B 12 . ? 1_555 ? 
10 AC2 3 DG D 6 ? DG D 12 . ? 1_555 ? 
11 AC2 3 DG D 6 ? DG D 12 . ? 4_555 ? 
# 
_atom_sites.entry_id                    3NP6 
_atom_sites.fract_transf_matrix[1][1]   -0.02699901 
_atom_sites.fract_transf_matrix[1][2]   -0.02320452 
_atom_sites.fract_transf_matrix[1][3]   0.01334950 
_atom_sites.fract_transf_matrix[2][1]   0.00954242 
_atom_sites.fract_transf_matrix[2][2]   -0.03355700 
_atom_sites.fract_transf_matrix[2][3]   0.01511510 
_atom_sites.fract_transf_matrix[3][1]   0.00065674 
_atom_sites.fract_transf_matrix[3][2]   0.00361686 
_atom_sites.fract_transf_matrix[3][3]   0.00761518 
_atom_sites.fract_transf_vector[1]      0.715272 
_atom_sites.fract_transf_vector[2]      0.543639 
_atom_sites.fract_transf_vector[3]      0.082804 
# 
loop_
_atom_type.symbol 
C  
CA 
N  
O  
P  
# 
loop_
_atom_site.group_PDB 
_atom_site.id 
_atom_site.type_symbol 
_atom_site.label_atom_id 
_atom_site.label_alt_id 
_atom_site.label_comp_id 
_atom_site.label_asym_id 
_atom_site.label_entity_id 
_atom_site.label_seq_id 
_atom_site.pdbx_PDB_ins_code 
_atom_site.Cartn_x 
_atom_site.Cartn_y 
_atom_site.Cartn_z 
_atom_site.occupancy 
_atom_site.B_iso_or_equiv 
_atom_site.pdbx_formal_charge 
_atom_site.auth_seq_id 
_atom_site.auth_comp_id 
_atom_site.auth_asym_id 
_atom_site.auth_atom_id 
_atom_site.pdbx_PDB_model_num 
ATOM   1   O  "O3'" . DC  A 1 1 ? 7.059   2.414   6.752   1.00 33.62 ? 1  DC  A "O3'" 1 
ATOM   2   P  P     . DG  A 1 2 ? 6.888   0.836   6.925   1.00 33.77 ? 2  DG  A P     1 
ATOM   3   O  OP1   . DG  A 1 2 ? 5.557   0.573   7.520   1.00 33.50 ? 2  DG  A OP1   1 
ATOM   4   O  OP2   . DG  A 1 2 ? 8.124   0.325   7.562   1.00 33.95 ? 2  DG  A OP2   1 
ATOM   5   O  "O5'" . DG  A 1 2 ? 6.864   0.334   5.410   1.00 32.10 ? 2  DG  A "O5'" 1 
ATOM   6   C  "C5'" . DG  A 1 2 ? 7.414   -0.925  5.054   1.00 28.87 ? 2  DG  A "C5'" 1 
ATOM   7   C  "C4'" . DG  A 1 2 ? 7.681   -0.973  3.562   1.00 26.17 ? 2  DG  A "C4'" 1 
ATOM   8   O  "O4'" . DG  A 1 2 ? 6.459   -0.728  2.828   1.00 23.99 ? 2  DG  A "O4'" 1 
ATOM   9   C  "C3'" . DG  A 1 2 ? 8.694   0.035   3.048   1.00 25.52 ? 2  DG  A "C3'" 1 
ATOM   10  O  "O3'" . DG  A 1 2 ? 9.558   -0.664  2.165   1.00 26.41 ? 2  DG  A "O3'" 1 
ATOM   11  C  "C2'" . DG  A 1 2 ? 7.835   1.096   2.358   1.00 23.90 ? 2  DG  A "C2'" 1 
ATOM   12  C  "C1'" . DG  A 1 2 ? 6.620   0.305   1.884   1.00 21.80 ? 2  DG  A "C1'" 1 
ATOM   13  N  N9    . DG  A 1 2 ? 5.337   1.001   1.892   1.00 18.94 ? 2  DG  A N9    1 
ATOM   14  C  C8    . DG  A 1 2 ? 4.785   1.647   2.970   1.00 17.76 ? 2  DG  A C8    1 
ATOM   15  N  N7    . DG  A 1 2 ? 3.623   2.171   2.732   1.00 16.95 ? 2  DG  A N7    1 
ATOM   16  C  C5    . DG  A 1 2 ? 3.368   1.838   1.413   1.00 16.20 ? 2  DG  A C5    1 
ATOM   17  C  C6    . DG  A 1 2 ? 2.240   2.138   0.615   1.00 14.96 ? 2  DG  A C6    1 
ATOM   18  O  O6    . DG  A 1 2 ? 1.230   2.780   0.940   1.00 14.75 ? 2  DG  A O6    1 
ATOM   19  N  N1    . DG  A 1 2 ? 2.363   1.625   -0.675  1.00 14.19 ? 2  DG  A N1    1 
ATOM   20  C  C2    . DG  A 1 2 ? 3.442   0.911   -1.132  1.00 14.43 ? 2  DG  A C2    1 
ATOM   21  N  N2    . DG  A 1 2 ? 3.373   0.500   -2.403  1.00 13.38 ? 2  DG  A N2    1 
ATOM   22  N  N3    . DG  A 1 2 ? 4.509   0.617   -0.389  1.00 16.02 ? 2  DG  A N3    1 
ATOM   23  C  C4    . DG  A 1 2 ? 4.411   1.113   0.874   1.00 16.96 ? 2  DG  A C4    1 
ATOM   24  P  P     . DT  A 1 3 ? 10.984  -0.103  1.721   1.00 26.95 ? 3  DT  A P     1 
ATOM   25  O  OP1   . DT  A 1 3 ? 11.915  -1.246  1.641   1.00 27.03 ? 3  DT  A OP1   1 
ATOM   26  O  OP2   . DT  A 1 3 ? 11.331  1.085   2.524   1.00 28.04 ? 3  DT  A OP2   1 
ATOM   27  O  "O5'" . DT  A 1 3 ? 10.675  0.447   0.256   1.00 26.90 ? 3  DT  A "O5'" 1 
ATOM   28  C  "C5'" . DT  A 1 3 ? 10.051  -0.365  -0.725  1.00 24.70 ? 3  DT  A "C5'" 1 
ATOM   29  C  "C4'" . DT  A 1 3 ? 9.443   0.498   -1.811  1.00 23.27 ? 3  DT  A "C4'" 1 
ATOM   30  O  "O4'" . DT  A 1 3 ? 8.260   1.155   -1.315  1.00 22.25 ? 3  DT  A "O4'" 1 
ATOM   31  C  "C3'" . DT  A 1 3 ? 10.317  1.619   -2.357  1.00 22.83 ? 3  DT  A "C3'" 1 
ATOM   32  O  "O3'" . DT  A 1 3 ? 10.568  1.307   -3.718  1.00 23.76 ? 3  DT  A "O3'" 1 
ATOM   33  C  "C2'" . DT  A 1 3 ? 9.485   2.888   -2.162  1.00 21.49 ? 3  DT  A "C2'" 1 
ATOM   34  C  "C1'" . DT  A 1 3 ? 8.084   2.305   -2.100  1.00 20.49 ? 3  DT  A "C1'" 1 
ATOM   35  N  N1    . DT  A 1 3 ? 7.011   3.111   -1.453  1.00 18.35 ? 3  DT  A N1    1 
ATOM   36  C  C2    . DT  A 1 3 ? 5.856   3.387   -2.158  1.00 16.91 ? 3  DT  A C2    1 
ATOM   37  O  O2    . DT  A 1 3 ? 5.642   3.046   -3.302  1.00 15.96 ? 3  DT  A O2    1 
ATOM   38  N  N3    . DT  A 1 3 ? 4.932   4.114   -1.469  1.00 16.77 ? 3  DT  A N3    1 
ATOM   39  C  C4    . DT  A 1 3 ? 5.029   4.583   -0.177  1.00 16.72 ? 3  DT  A C4    1 
ATOM   40  O  O4    . DT  A 1 3 ? 4.116   5.225   0.328   1.00 17.08 ? 3  DT  A O4    1 
ATOM   41  C  C5    . DT  A 1 3 ? 6.254   4.259   0.512   1.00 17.14 ? 3  DT  A C5    1 
ATOM   42  C  C7    . DT  A 1 3 ? 6.495   4.706   1.925   1.00 17.65 ? 3  DT  A C7    1 
ATOM   43  C  C6    . DT  A 1 3 ? 7.173   3.545   -0.152  1.00 17.74 ? 3  DT  A C6    1 
ATOM   44  P  P     . DA  A 1 4 ? 11.427  2.233   -4.690  1.00 23.52 ? 4  DA  A P     1 
ATOM   45  O  OP1   . DA  A 1 4 ? 12.197  1.359   -5.592  1.00 24.57 ? 4  DA  A OP1   1 
ATOM   46  O  OP2   . DA  A 1 4 ? 12.130  3.284   -3.925  1.00 24.00 ? 4  DA  A OP2   1 
ATOM   47  O  "O5'" . DA  A 1 4 ? 10.247  2.905   -5.512  1.00 22.14 ? 4  DA  A "O5'" 1 
ATOM   48  C  "C5'" . DA  A 1 4 ? 9.627   2.213   -6.572  1.00 19.65 ? 4  DA  A "C5'" 1 
ATOM   49  C  "C4'" . DA  A 1 4 ? 8.626   3.158   -7.181  1.00 18.23 ? 4  DA  A "C4'" 1 
ATOM   50  O  "O4'" . DA  A 1 4 ? 7.881   3.700   -6.077  1.00 16.45 ? 4  DA  A "O4'" 1 
ATOM   51  C  "C3'" . DA  A 1 4 ? 9.220   4.368   -7.894  1.00 18.47 ? 4  DA  A "C3'" 1 
ATOM   52  O  "O3'" . DA  A 1 4 ? 8.677   4.458   -9.205  1.00 21.05 ? 4  DA  A "O3'" 1 
ATOM   53  C  "C2'" . DA  A 1 4 ? 8.824   5.567   -7.032  1.00 16.05 ? 4  DA  A "C2'" 1 
ATOM   54  C  "C1'" . DA  A 1 4 ? 7.582   5.043   -6.338  1.00 12.98 ? 4  DA  A "C1'" 1 
ATOM   55  N  N9    . DA  A 1 4 ? 7.284   5.634   -5.048  1.00 7.89  ? 4  DA  A N9    1 
ATOM   56  C  C8    . DA  A 1 4 ? 8.099   5.695   -3.953  1.00 5.77  ? 4  DA  A C8    1 
ATOM   57  N  N7    . DA  A 1 4 ? 7.552   6.281   -2.921  1.00 4.42  ? 4  DA  A N7    1 
ATOM   58  C  C5    . DA  A 1 4 ? 6.283   6.609   -3.371  1.00 2.00  ? 4  DA  A C5    1 
ATOM   59  C  C6    . DA  A 1 4 ? 5.199   7.251   -2.771  1.00 2.00  ? 4  DA  A C6    1 
ATOM   60  N  N6    . DA  A 1 4 ? 5.247   7.688   -1.524  1.00 2.00  ? 4  DA  A N6    1 
ATOM   61  N  N1    . DA  A 1 4 ? 4.063   7.451   -3.479  1.00 2.00  ? 4  DA  A N1    1 
ATOM   62  C  C2    . DA  A 1 4 ? 4.037   7.017   -4.745  1.00 2.11  ? 4  DA  A C2    1 
ATOM   63  N  N3    . DA  A 1 4 ? 4.995   6.388   -5.436  1.00 3.99  ? 4  DA  A N3    1 
ATOM   64  C  C4    . DA  A 1 4 ? 6.100   6.219   -4.684  1.00 4.59  ? 4  DA  A C4    1 
ATOM   65  P  P     . DC  A 1 5 ? 9.326   5.424   -10.298 1.00 21.91 ? 5  DC  A P     1 
ATOM   66  O  OP1   . DC  A 1 5 ? 9.082   4.828   -11.626 1.00 22.89 ? 5  DC  A OP1   1 
ATOM   67  O  OP2   . DC  A 1 5 ? 10.689  5.797   -9.873  1.00 22.16 ? 5  DC  A OP2   1 
ATOM   68  O  "O5'" . DC  A 1 5 ? 8.424   6.718   -10.166 1.00 22.35 ? 5  DC  A "O5'" 1 
ATOM   69  C  "C5'" . DC  A 1 5 ? 7.029   6.640   -10.378 1.00 22.86 ? 5  DC  A "C5'" 1 
ATOM   70  C  "C4'" . DC  A 1 5 ? 6.430   7.914   -9.844  1.00 23.27 ? 5  DC  A "C4'" 1 
ATOM   71  O  "O4'" . DC  A 1 5 ? 6.478   7.901   -8.406  1.00 22.63 ? 5  DC  A "O4'" 1 
ATOM   72  C  "C3'" . DC  A 1 5 ? 7.270   9.122   -10.210 1.00 24.31 ? 5  DC  A "C3'" 1 
ATOM   73  O  "O3'" . DC  A 1 5 ? 6.721   9.688   -11.375 1.00 25.03 ? 5  DC  A "O3'" 1 
ATOM   74  C  "C2'" . DC  A 1 5 ? 7.189   10.044  -8.992  1.00 23.53 ? 5  DC  A "C2'" 1 
ATOM   75  C  "C1'" . DC  A 1 5 ? 6.355   9.241   -8.001  1.00 21.81 ? 5  DC  A "C1'" 1 
ATOM   76  N  N1    . DC  A 1 5 ? 6.760   9.405   -6.574  1.00 20.17 ? 5  DC  A N1    1 
ATOM   77  C  C2    . DC  A 1 5 ? 5.821   9.914   -5.673  1.00 19.74 ? 5  DC  A C2    1 
ATOM   78  O  O2    . DC  A 1 5 ? 4.690   10.203  -6.076  1.00 19.94 ? 5  DC  A O2    1 
ATOM   79  N  N3    . DC  A 1 5 ? 6.177   10.078  -4.375  1.00 19.41 ? 5  DC  A N3    1 
ATOM   80  C  C4    . DC  A 1 5 ? 7.402   9.754   -3.962  1.00 18.81 ? 5  DC  A C4    1 
ATOM   81  N  N4    . DC  A 1 5 ? 7.682   9.936   -2.669  1.00 18.38 ? 5  DC  A N4    1 
ATOM   82  C  C5    . DC  A 1 5 ? 8.377   9.230   -4.863  1.00 19.31 ? 5  DC  A C5    1 
ATOM   83  C  C6    . DC  A 1 5 ? 8.018   9.076   -6.146  1.00 19.78 ? 5  DC  A C6    1 
ATOM   84  P  P     . DG  A 1 6 ? 7.563   10.714  -12.236 1.00 25.59 ? 6  DG  A P     1 
ATOM   85  O  OP1   . DG  A 1 6 ? 6.982   10.666  -13.590 1.00 27.15 ? 6  DG  A OP1   1 
ATOM   86  O  OP2   . DG  A 1 6 ? 9.011   10.497  -12.014 1.00 24.51 ? 6  DG  A OP2   1 
ATOM   87  O  "O5'" . DG  A 1 6 ? 7.136   12.102  -11.578 1.00 27.17 ? 6  DG  A "O5'" 1 
ATOM   88  C  "C5'" . DG  A 1 6 ? 5.952   12.761  -12.020 1.00 28.16 ? 6  DG  A "C5'" 1 
ATOM   89  C  "C4'" . DG  A 1 6 ? 6.208   14.240  -12.225 1.00 29.11 ? 6  DG  A "C4'" 1 
ATOM   90  O  "O4'" . DG  A 1 6 ? 6.641   14.780  -10.958 1.00 29.93 ? 6  DG  A "O4'" 1 
ATOM   91  C  "C3'" . DG  A 1 6 ? 7.314   14.586  -13.213 1.00 29.28 ? 6  DG  A "C3'" 1 
ATOM   92  O  "O3'" . DG  A 1 6 ? 6.791   14.755  -14.514 1.00 29.89 ? 6  DG  A "O3'" 1 
ATOM   93  C  "C2'" . DG  A 1 6 ? 7.827   15.901  -12.654 1.00 29.78 ? 6  DG  A "C2'" 1 
ATOM   94  C  "C1'" . DG  A 1 6 ? 7.722   15.660  -11.150 1.00 30.23 ? 6  DG  A "C1'" 1 
ATOM   95  N  N9    . DG  A 1 6 ? 8.913   15.100  -10.509 1.00 30.98 ? 6  DG  A N9    1 
ATOM   96  C  C8    . DG  A 1 6 ? 10.009  14.540  -11.120 1.00 31.60 ? 6  DG  A C8    1 
ATOM   97  N  N7    . DG  A 1 6 ? 10.925  14.129  -10.295 1.00 32.21 ? 6  DG  A N7    1 
ATOM   98  C  C5    . DG  A 1 6 ? 10.405  14.434  -9.047  1.00 32.53 ? 6  DG  A C5    1 
ATOM   99  C  C6    . DG  A 1 6 ? 10.955  14.221  -7.757  1.00 32.85 ? 6  DG  A C6    1 
ATOM   100 O  O6    . DG  A 1 6 ? 12.043  13.702  -7.472  1.00 33.22 ? 6  DG  A O6    1 
ATOM   101 N  N1    . DG  A 1 6 ? 10.111  14.678  -6.745  1.00 32.46 ? 6  DG  A N1    1 
ATOM   102 C  C2    . DG  A 1 6 ? 8.884   15.261  -6.957  1.00 31.95 ? 6  DG  A C2    1 
ATOM   103 N  N2    . DG  A 1 6 ? 8.215   15.639  -5.862  1.00 32.27 ? 6  DG  A N2    1 
ATOM   104 N  N3    . DG  A 1 6 ? 8.357   15.467  -8.159  1.00 32.18 ? 6  DG  A N3    1 
ATOM   105 C  C4    . DG  A 1 6 ? 9.167   15.032  -9.159  1.00 31.79 ? 6  DG  A C4    1 
ATOM   106 O  "O5'" . DC  B 1 1 ? -3.241  13.557  6.889   1.00 28.71 ? 7  DC  B "O5'" 1 
ATOM   107 C  "C5'" . DC  B 1 1 ? -3.288  14.501  5.820   1.00 27.44 ? 7  DC  B "C5'" 1 
ATOM   108 C  "C4'" . DC  B 1 1 ? -2.150  15.510  5.888   1.00 26.23 ? 7  DC  B "C4'" 1 
ATOM   109 O  "O4'" . DC  B 1 1 ? -2.368  16.429  6.986   1.00 26.06 ? 7  DC  B "O4'" 1 
ATOM   110 C  "C3'" . DC  B 1 1 ? -0.745  14.946  6.085   1.00 26.04 ? 7  DC  B "C3'" 1 
ATOM   111 O  "O3'" . DC  B 1 1 ? 0.161   15.636  5.228   1.00 25.84 ? 7  DC  B "O3'" 1 
ATOM   112 C  "C2'" . DC  B 1 1 ? -0.447  15.248  7.550   1.00 25.67 ? 7  DC  B "C2'" 1 
ATOM   113 C  "C1'" . DC  B 1 1 ? -1.160  16.585  7.699   1.00 25.36 ? 7  DC  B "C1'" 1 
ATOM   114 N  N1    . DC  B 1 1 ? -1.500  17.006  9.087   1.00 24.70 ? 7  DC  B N1    1 
ATOM   115 C  C2    . DC  B 1 1 ? -0.909  18.149  9.648   1.00 23.93 ? 7  DC  B C2    1 
ATOM   116 O  O2    . DC  B 1 1 ? -0.088  18.813  9.003   1.00 22.76 ? 7  DC  B O2    1 
ATOM   117 N  N3    . DC  B 1 1 ? -1.263  18.496  10.912  1.00 24.55 ? 7  DC  B N3    1 
ATOM   118 C  C4    . DC  B 1 1 ? -2.151  17.764  11.600  1.00 24.89 ? 7  DC  B C4    1 
ATOM   119 N  N4    . DC  B 1 1 ? -2.464  18.147  12.840  1.00 25.00 ? 7  DC  B N4    1 
ATOM   120 C  C5    . DC  B 1 1 ? -2.763  16.602  11.048  1.00 25.21 ? 7  DC  B C5    1 
ATOM   121 C  C6    . DC  B 1 1 ? -2.412  16.272  9.801   1.00 25.25 ? 7  DC  B C6    1 
ATOM   122 P  P     . DG  B 1 2 ? 0.857   14.935  3.974   1.00 25.10 ? 8  DG  B P     1 
ATOM   123 O  OP1   . DG  B 1 2 ? 1.512   13.694  4.425   1.00 25.91 ? 8  DG  B OP1   1 
ATOM   124 O  OP2   . DG  B 1 2 ? 1.657   15.972  3.295   1.00 26.33 ? 8  DG  B OP2   1 
ATOM   125 O  "O5'" . DG  B 1 2 ? -0.359  14.538  3.031   1.00 23.94 ? 8  DG  B "O5'" 1 
ATOM   126 C  "C5'" . DG  B 1 2 ? -0.999  15.488  2.201   1.00 22.22 ? 8  DG  B "C5'" 1 
ATOM   127 C  "C4'" . DG  B 1 2 ? -1.025  15.037  0.754   1.00 20.73 ? 8  DG  B "C4'" 1 
ATOM   128 O  "O4'" . DG  B 1 2 ? 0.316   15.099  0.244   1.00 19.85 ? 8  DG  B "O4'" 1 
ATOM   129 C  "C3'" . DG  B 1 2 ? -1.469  13.605  0.515   1.00 20.32 ? 8  DG  B "C3'" 1 
ATOM   130 O  "O3'" . DG  B 1 2 ? -2.867  13.588  0.304   1.00 21.31 ? 8  DG  B "O3'" 1 
ATOM   131 C  "C2'" . DG  B 1 2 ? -0.714  13.201  -0.745  1.00 19.50 ? 8  DG  B "C2'" 1 
ATOM   132 C  "C1'" . DG  B 1 2 ? 0.495   14.117  -0.756  1.00 18.40 ? 8  DG  B "C1'" 1 
ATOM   133 N  N9    . DG  B 1 2 ? 1.771   13.455  -0.517  1.00 16.33 ? 8  DG  B N9    1 
ATOM   134 C  C8    . DG  B 1 2 ? 2.515   13.483  0.633   1.00 15.46 ? 8  DG  B C8    1 
ATOM   135 N  N7    . DG  B 1 2 ? 3.622   12.818  0.552   1.00 15.19 ? 8  DG  B N7    1 
ATOM   136 C  C5    . DG  B 1 2 ? 3.619   12.321  -0.738  1.00 14.54 ? 8  DG  B C5    1 
ATOM   137 C  C6    . DG  B 1 2 ? 4.570   11.522  -1.401  1.00 14.02 ? 8  DG  B C6    1 
ATOM   138 O  O6    . DG  B 1 2 ? 5.633   11.091  -0.947  1.00 15.05 ? 8  DG  B O6    1 
ATOM   139 N  N1    . DG  B 1 2 ? 4.189   11.236  -2.709  1.00 13.72 ? 8  DG  B N1    1 
ATOM   140 C  C2    . DG  B 1 2 ? 3.024   11.665  -3.300  1.00 13.61 ? 8  DG  B C2    1 
ATOM   141 N  N2    . DG  B 1 2 ? 2.805   11.301  -4.569  1.00 13.66 ? 8  DG  B N2    1 
ATOM   142 N  N3    . DG  B 1 2 ? 2.125   12.416  -2.686  1.00 14.66 ? 8  DG  B N3    1 
ATOM   143 C  C4    . DG  B 1 2 ? 2.488   12.705  -1.411  1.00 15.09 ? 8  DG  B C4    1 
ATOM   144 P  P     . DT  B 1 3 ? -3.706  12.233  0.364   1.00 21.34 ? 9  DT  B P     1 
ATOM   145 O  OP1   . DT  B 1 3 ? -5.132  12.591  0.435   1.00 22.36 ? 9  DT  B OP1   1 
ATOM   146 O  OP2   . DT  B 1 3 ? -3.093  11.340  1.366   1.00 21.53 ? 9  DT  B OP2   1 
ATOM   147 O  "O5'" . DT  B 1 3 ? -3.460  11.611  -1.077  1.00 20.90 ? 9  DT  B "O5'" 1 
ATOM   148 C  "C5'" . DT  B 1 3 ? -4.151  12.118  -2.206  1.00 18.67 ? 9  DT  B "C5'" 1 
ATOM   149 C  "C4'" . DT  B 1 3 ? -3.710  11.344  -3.429  1.00 16.97 ? 9  DT  B "C4'" 1 
ATOM   150 O  "O4'" . DT  B 1 3 ? -2.272  11.162  -3.410  1.00 15.79 ? 9  DT  B "O4'" 1 
ATOM   151 C  "C3'" . DT  B 1 3 ? -4.312  9.958   -3.532  1.00 16.67 ? 9  DT  B "C3'" 1 
ATOM   152 O  "O3'" . DT  B 1 3 ? -4.770  9.785   -4.858  1.00 17.48 ? 9  DT  B "O3'" 1 
ATOM   153 C  "C2'" . DT  B 1 3 ? -3.158  9.030   -3.151  1.00 16.24 ? 9  DT  B "C2'" 1 
ATOM   154 C  "C1'" . DT  B 1 3 ? -1.924  9.808   -3.575  1.00 14.51 ? 9  DT  B "C1'" 1 
ATOM   155 N  N1    . DT  B 1 3 ? -0.693  9.529   -2.757  1.00 12.73 ? 9  DT  B N1    1 
ATOM   156 C  C2    . DT  B 1 3 ? 0.429   8.982   -3.349  1.00 11.24 ? 9  DT  B C2    1 
ATOM   157 O  O2    . DT  B 1 3 ? 0.519   8.683   -4.521  1.00 10.31 ? 9  DT  B O2    1 
ATOM   158 N  N3    . DT  B 1 3 ? 1.479   8.788   -2.493  1.00 11.34 ? 9  DT  B N3    1 
ATOM   159 C  C4    . DT  B 1 3 ? 1.539   9.069   -1.143  1.00 10.97 ? 9  DT  B C4    1 
ATOM   160 O  O4    . DT  B 1 3 ? 2.546   8.847   -0.475  1.00 11.64 ? 9  DT  B O4    1 
ATOM   161 C  C5    . DT  B 1 3 ? 0.341   9.638   -0.589  1.00 11.08 ? 9  DT  B C5    1 
ATOM   162 C  C7    . DT  B 1 3 ? 0.272   9.993   0.869   1.00 11.66 ? 9  DT  B C7    1 
ATOM   163 C  C6    . DT  B 1 3 ? -0.696  9.832   -1.408  1.00 11.69 ? 9  DT  B C6    1 
ATOM   164 P  P     . DA  B 1 4 ? -5.300  8.391   -5.416  1.00 16.63 ? 10 DA  B P     1 
ATOM   165 O  OP1   . DA  B 1 4 ? -6.153  8.694   -6.576  1.00 17.48 ? 10 DA  B OP1   1 
ATOM   166 O  OP2   . DA  B 1 4 ? -5.832  7.575   -4.309  1.00 17.93 ? 10 DA  B OP2   1 
ATOM   167 O  "O5'" . DA  B 1 4 ? -3.943  7.725   -5.893  1.00 15.03 ? 10 DA  B "O5'" 1 
ATOM   168 C  "C5'" . DA  B 1 4 ? -3.477  7.882   -7.214  1.00 11.40 ? 10 DA  B "C5'" 1 
ATOM   169 C  "C4'" . DA  B 1 4 ? -2.656  6.668   -7.598  1.00 7.95  ? 10 DA  B "C4'" 1 
ATOM   170 O  "O4'" . DA  B 1 4 ? -1.537  6.535   -6.693  1.00 4.92  ? 10 DA  B "O4'" 1 
ATOM   171 C  "C3'" . DA  B 1 4 ? -3.410  5.349   -7.537  1.00 8.06  ? 10 DA  B "C3'" 1 
ATOM   172 O  "O3'" . DA  B 1 4 ? -3.066  4.630   -8.702  1.00 12.84 ? 10 DA  B "O3'" 1 
ATOM   173 C  "C2'" . DA  B 1 4 ? -2.911  4.688   -6.247  1.00 2.87  ? 10 DA  B "C2'" 1 
ATOM   174 C  "C1'" . DA  B 1 4 ? -1.508  5.253   -6.075  1.00 2.00  ? 10 DA  B "C1'" 1 
ATOM   175 N  N9    . DA  B 1 4 ? -1.025  5.439   -4.700  1.00 2.00  ? 10 DA  B N9    1 
ATOM   176 C  C8    . DA  B 1 4 ? -1.677  5.988   -3.637  1.00 2.00  ? 10 DA  B C8    1 
ATOM   177 N  N7    . DA  B 1 4 ? -0.986  6.051   -2.527  1.00 2.00  ? 10 DA  B N7    1 
ATOM   178 C  C5    . DA  B 1 4 ? 0.235   5.509   -2.869  1.00 2.00  ? 10 DA  B C5    1 
ATOM   179 C  C6    . DA  B 1 4 ? 1.395   5.254   -2.118  1.00 2.00  ? 10 DA  B C6    1 
ATOM   180 N  N6    . DA  B 1 4 ? 1.459   5.602   -0.836  1.00 2.00  ? 10 DA  B N6    1 
ATOM   181 N  N1    . DA  B 1 4 ? 2.471   4.694   -2.708  1.00 2.00  ? 10 DA  B N1    1 
ATOM   182 C  C2    . DA  B 1 4 ? 2.293   4.393   -3.991  1.00 2.00  ? 10 DA  B C2    1 
ATOM   183 N  N3    . DA  B 1 4 ? 1.253   4.548   -4.804  1.00 2.00  ? 10 DA  B N3    1 
ATOM   184 C  C4    . DA  B 1 4 ? 0.222   5.119   -4.180  1.00 2.00  ? 10 DA  B C4    1 
ATOM   185 P  P     . DC  B 1 5 ? -3.804  3.293   -9.159  1.00 15.35 ? 11 DC  B P     1 
ATOM   186 O  OP1   . DC  B 1 5 ? -3.660  3.218   -10.630 1.00 16.88 ? 11 DC  B OP1   1 
ATOM   187 O  OP2   . DC  B 1 5 ? -5.132  3.173   -8.533  1.00 15.46 ? 11 DC  B OP2   1 
ATOM   188 O  "O5'" . DC  B 1 5 ? -2.879  2.194   -8.485  1.00 14.87 ? 11 DC  B "O5'" 1 
ATOM   189 C  "C5'" . DC  B 1 5 ? -1.571  1.976   -8.954  1.00 13.22 ? 11 DC  B "C5'" 1 
ATOM   190 C  "C4'" . DC  B 1 5 ? -0.870  1.032   -8.007  1.00 12.23 ? 11 DC  B "C4'" 1 
ATOM   191 O  "O4'" . DC  B 1 5 ? -0.686  1.700   -6.737  1.00 10.52 ? 11 DC  B "O4'" 1 
ATOM   192 C  "C3'" . DC  B 1 5 ? -1.620  -0.260  -7.687  1.00 12.49 ? 11 DC  B "C3'" 1 
ATOM   193 O  "O3'" . DC  B 1 5 ? -0.739  -1.369  -7.853  1.00 14.45 ? 11 DC  B "O3'" 1 
ATOM   194 C  "C2'" . DC  B 1 5 ? -2.013  -0.076  -6.228  1.00 10.23 ? 11 DC  B "C2'" 1 
ATOM   195 C  "C1'" . DC  B 1 5 ? -0.796  0.703   -5.761  1.00 6.65  ? 11 DC  B "C1'" 1 
ATOM   196 N  N1    . DC  B 1 5 ? -0.935  1.335   -4.447  1.00 3.24  ? 11 DC  B N1    1 
ATOM   197 C  C2    . DC  B 1 5 ? 0.121   1.295   -3.530  1.00 2.00  ? 11 DC  B C2    1 
ATOM   198 O  O2    . DC  B 1 5 ? 1.187   0.710   -3.758  1.00 3.57  ? 11 DC  B O2    1 
ATOM   199 N  N3    . DC  B 1 5 ? -0.093  1.868   -2.337  1.00 2.00  ? 11 DC  B N3    1 
ATOM   200 C  C4    . DC  B 1 5 ? -1.222  2.489   -2.037  1.00 2.00  ? 11 DC  B C4    1 
ATOM   201 N  N4    . DC  B 1 5 ? -1.311  3.063   -0.840  1.00 2.00  ? 11 DC  B N4    1 
ATOM   202 C  C5    . DC  B 1 5 ? -2.307  2.563   -2.963  1.00 2.00  ? 11 DC  B C5    1 
ATOM   203 C  C6    . DC  B 1 5 ? -2.115  1.971   -4.152  1.00 2.04  ? 11 DC  B C6    1 
ATOM   204 P  P     . DG  B 1 6 ? -1.290  -2.849  -8.011  1.00 14.94 ? 12 DG  B P     1 
ATOM   205 O  OP1   . DG  B 1 6 ? -0.158  -3.656  -8.471  1.00 16.16 ? 12 DG  B OP1   1 
ATOM   206 O  OP2   . DG  B 1 6 ? -2.545  -2.823  -8.782  1.00 15.11 ? 12 DG  B OP2   1 
ATOM   207 O  "O5'" . DG  B 1 6 ? -1.650  -3.261  -6.519  1.00 16.98 ? 12 DG  B "O5'" 1 
ATOM   208 C  "C5'" . DG  B 1 6 ? -0.655  -3.574  -5.562  1.00 18.17 ? 12 DG  B "C5'" 1 
ATOM   209 C  "C4'" . DG  B 1 6 ? -1.228  -4.456  -4.468  1.00 19.82 ? 12 DG  B "C4'" 1 
ATOM   210 O  "O4'" . DG  B 1 6 ? -2.425  -3.858  -3.912  1.00 20.59 ? 12 DG  B "O4'" 1 
ATOM   211 C  "C3'" . DG  B 1 6 ? -1.595  -5.867  -4.907  1.00 20.30 ? 12 DG  B "C3'" 1 
ATOM   212 O  "O3'" . DG  B 1 6 ? -0.674  -6.765  -4.336  1.00 21.65 ? 12 DG  B "O3'" 1 
ATOM   213 C  "C2'" . DG  B 1 6 ? -2.984  -6.107  -4.329  1.00 20.79 ? 12 DG  B "C2'" 1 
ATOM   214 C  "C1'" . DG  B 1 6 ? -3.542  -4.708  -4.096  1.00 21.02 ? 12 DG  B "C1'" 1 
ATOM   215 N  N9    . DG  B 1 6 ? -4.332  -4.160  -5.195  1.00 21.66 ? 12 DG  B N9    1 
ATOM   216 C  C8    . DG  B 1 6 ? -4.747  -4.806  -6.333  1.00 22.21 ? 12 DG  B C8    1 
ATOM   217 N  N7    . DG  B 1 6 ? -5.428  -4.049  -7.145  1.00 22.96 ? 12 DG  B N7    1 
ATOM   218 C  C5    . DG  B 1 6 ? -5.469  -2.819  -6.508  1.00 23.07 ? 12 DG  B C5    1 
ATOM   219 C  C6    . DG  B 1 6 ? -6.070  -1.602  -6.904  1.00 23.75 ? 12 DG  B C6    1 
ATOM   220 O  O6    . DG  B 1 6 ? -6.709  -1.372  -7.937  1.00 25.08 ? 12 DG  B O6    1 
ATOM   221 N  N1    . DG  B 1 6 ? -5.876  -0.585  -5.967  1.00 23.85 ? 12 DG  B N1    1 
ATOM   222 C  C2    . DG  B 1 6 ? -5.183  -0.733  -4.789  1.00 23.17 ? 12 DG  B C2    1 
ATOM   223 N  N2    . DG  B 1 6 ? -5.089  0.342   -4.000  1.00 23.68 ? 12 DG  B N2    1 
ATOM   224 N  N3    . DG  B 1 6 ? -4.620  -1.870  -4.409  1.00 23.21 ? 12 DG  B N3    1 
ATOM   225 C  C4    . DG  B 1 6 ? -4.799  -2.870  -5.307  1.00 22.49 ? 12 DG  B C4    1 
ATOM   226 O  "O3'" . DC  C 1 1 ? -7.813  3.888   3.488   1.00 30.28 ? 1  DC  C "O3'" 1 
ATOM   227 P  P     . DG  C 1 2 ? -7.099  5.249   3.047   1.00 30.38 ? 2  DG  C P     1 
ATOM   228 O  OP1   . DG  C 1 2 ? -5.853  5.377   3.838   1.00 30.43 ? 2  DG  C OP1   1 
ATOM   229 O  OP2   . DG  C 1 2 ? -8.114  6.322   3.093   1.00 30.53 ? 2  DG  C OP2   1 
ATOM   230 O  "O5'" . DG  C 1 2 ? -6.703  4.987   1.515   1.00 28.42 ? 2  DG  C "O5'" 1 
ATOM   231 C  "C5'" . DG  C 1 2 ? -7.670  5.033   0.464   1.00 24.24 ? 2  DG  C "C5'" 1 
ATOM   232 C  "C4'" . DG  C 1 2 ? -7.550  3.870   -0.519  1.00 20.71 ? 2  DG  C "C4'" 1 
ATOM   233 O  "O4'" . DG  C 1 2 ? -6.214  3.307   -0.553  1.00 17.89 ? 2  DG  C "O4'" 1 
ATOM   234 C  "C3'" . DG  C 1 2 ? -8.481  2.701   -0.257  1.00 20.22 ? 2  DG  C "C3'" 1 
ATOM   235 O  "O3'" . DG  C 1 2 ? -9.095  2.381   -1.493  1.00 22.65 ? 2  DG  C "O3'" 1 
ATOM   236 C  "C2'" . DG  C 1 2 ? -7.561  1.594   0.263   1.00 16.80 ? 2  DG  C "C2'" 1 
ATOM   237 C  "C1'" . DG  C 1 2 ? -6.231  1.899   -0.417  1.00 12.88 ? 2  DG  C "C1'" 1 
ATOM   238 N  N9    . DG  C 1 2 ? -5.017  1.607   0.343   1.00 5.95  ? 2  DG  C N9    1 
ATOM   239 C  C8    . DG  C 1 2 ? -4.731  2.130   1.579   1.00 4.07  ? 2  DG  C C8    1 
ATOM   240 N  N7    . DG  C 1 2 ? -3.584  1.744   2.053   1.00 2.00  ? 2  DG  C N7    1 
ATOM   241 C  C5    . DG  C 1 2 ? -3.063  0.923   1.071   1.00 2.00  ? 2  DG  C C5    1 
ATOM   242 C  C6    . DG  C 1 2 ? -1.826  0.231   1.054   1.00 2.00  ? 2  DG  C C6    1 
ATOM   243 O  O6    . DG  C 1 2 ? -0.911  0.194   1.876   1.00 2.00  ? 2  DG  C O6    1 
ATOM   244 N  N1    . DG  C 1 2 ? -1.631  -0.476  -0.111  1.00 2.00  ? 2  DG  C N1    1 
ATOM   245 C  C2    . DG  C 1 2 ? -2.537  -0.531  -1.132  1.00 2.00  ? 2  DG  C C2    1 
ATOM   246 N  N2    . DG  C 1 2 ? -2.191  -1.304  -2.161  1.00 2.00  ? 2  DG  C N2    1 
ATOM   247 N  N3    . DG  C 1 2 ? -3.709  0.100   -1.130  1.00 2.00  ? 2  DG  C N3    1 
ATOM   248 C  C4    . DG  C 1 2 ? -3.918  0.829   0.002   1.00 2.00  ? 2  DG  C C4    1 
ATOM   249 P  P     . DT  C 1 3 ? -10.390 1.453   -1.586  1.00 24.51 ? 3  DT  C P     1 
ATOM   250 O  OP1   . DT  C 1 3 ? -11.177 1.962   -2.722  1.00 25.20 ? 3  DT  C OP1   1 
ATOM   251 O  OP2   . DT  C 1 3 ? -10.995 1.324   -0.245  1.00 25.21 ? 3  DT  C OP2   1 
ATOM   252 O  "O5'" . DT  C 1 3 ? -9.806  0.020   -1.975  1.00 24.22 ? 3  DT  C "O5'" 1 
ATOM   253 C  "C5'" . DT  C 1 3 ? -9.040  -0.131  -3.162  1.00 23.52 ? 3  DT  C "C5'" 1 
ATOM   254 C  "C4'" . DT  C 1 3 ? -8.230  -1.410  -3.130  1.00 22.56 ? 3  DT  C "C4'" 1 
ATOM   255 O  "O4'" . DT  C 1 3 ? -7.156  -1.314  -2.161  1.00 22.33 ? 3  DT  C "O4'" 1 
ATOM   256 C  "C3'" . DT  C 1 3 ? -9.018  -2.657  -2.754  1.00 22.61 ? 3  DT  C "C3'" 1 
ATOM   257 O  "O3'" . DT  C 1 3 ? -8.948  -3.555  -3.850  1.00 23.46 ? 3  DT  C "O3'" 1 
ATOM   258 C  "C2'" . DT  C 1 3 ? -8.323  -3.189  -1.498  1.00 21.78 ? 3  DT  C "C2'" 1 
ATOM   259 C  "C1'" . DT  C 1 3 ? -6.924  -2.609  -1.656  1.00 20.25 ? 3  DT  C "C1'" 1 
ATOM   260 N  N1    . DT  C 1 3 ? -6.084  -2.501  -0.431  1.00 18.05 ? 3  DT  C N1    1 
ATOM   261 C  C2    . DT  C 1 3 ? -4.872  -3.144  -0.429  1.00 17.65 ? 3  DT  C C2    1 
ATOM   262 O  O2    . DT  C 1 3 ? -4.469  -3.798  -1.361  1.00 19.03 ? 3  DT  C O2    1 
ATOM   263 N  N3    . DT  C 1 3 ? -4.131  -3.009  0.711   1.00 16.81 ? 3  DT  C N3    1 
ATOM   264 C  C4    . DT  C 1 3 ? -4.476  -2.302  1.841   1.00 16.40 ? 3  DT  C C4    1 
ATOM   265 O  O4    . DT  C 1 3 ? -3.722  -2.252  2.806   1.00 16.21 ? 3  DT  C O4    1 
ATOM   266 C  C5    . DT  C 1 3 ? -5.761  -1.645  1.787   1.00 16.61 ? 3  DT  C C5    1 
ATOM   267 C  C7    . DT  C 1 3 ? -6.255  -0.840  2.952   1.00 16.82 ? 3  DT  C C7    1 
ATOM   268 C  C6    . DT  C 1 3 ? -6.494  -1.773  0.669   1.00 17.25 ? 3  DT  C C6    1 
ATOM   269 P  P     . DA  C 1 4 ? -9.886  -4.841  -3.947  1.00 23.02 ? 4  DA  C P     1 
ATOM   270 O  OP1   . DA  C 1 4 ? -10.406 -4.903  -5.323  1.00 24.19 ? 4  DA  C OP1   1 
ATOM   271 O  OP2   . DA  C 1 4 ? -10.822 -4.870  -2.803  1.00 22.96 ? 4  DA  C OP2   1 
ATOM   272 O  "O5'" . DA  C 1 4 ? -8.827  -6.010  -3.759  1.00 22.14 ? 4  DA  C "O5'" 1 
ATOM   273 C  "C5'" . DA  C 1 4 ? -7.679  -6.073  -4.576  1.00 20.61 ? 4  DA  C "C5'" 1 
ATOM   274 C  "C4'" . DA  C 1 4 ? -6.730  -7.127  -4.042  1.00 19.88 ? 4  DA  C "C4'" 1 
ATOM   275 O  "O4'" . DA  C 1 4 ? -6.050  -6.628  -2.863  1.00 19.15 ? 4  DA  C "O4'" 1 
ATOM   276 C  "C3'" . DA  C 1 4 ? -7.385  -8.437  -3.632  1.00 19.57 ? 4  DA  C "C3'" 1 
ATOM   277 O  "O3'" . DA  C 1 4 ? -6.625  -9.482  -4.203  1.00 20.53 ? 4  DA  C "O3'" 1 
ATOM   278 C  "C2'" . DA  C 1 4 ? -7.301  -8.430  -2.106  1.00 18.68 ? 4  DA  C "C2'" 1 
ATOM   279 C  "C1'" . DA  C 1 4 ? -6.034  -7.618  -1.860  1.00 17.09 ? 4  DA  C "C1'" 1 
ATOM   280 N  N9    . DA  C 1 4 ? -5.976  -6.925  -0.577  1.00 14.45 ? 4  DA  C N9    1 
ATOM   281 C  C8    . DA  C 1 4 ? -6.944  -6.131  -0.031  1.00 13.14 ? 4  DA  C C8    1 
ATOM   282 N  N7    . DA  C 1 4 ? -6.626  -5.620  1.128   1.00 12.14 ? 4  DA  C N7    1 
ATOM   283 C  C5    . DA  C 1 4 ? -5.353  -6.107  1.355   1.00 11.89 ? 4  DA  C C5    1 
ATOM   284 C  C6    . DA  C 1 4 ? -4.454  -5.931  2.424   1.00 10.85 ? 4  DA  C C6    1 
ATOM   285 N  N6    . DA  C 1 4 ? -4.743  -5.184  3.489   1.00 10.48 ? 4  DA  C N6    1 
ATOM   286 N  N1    . DA  C 1 4 ? -3.258  -6.556  2.354   1.00 11.08 ? 4  DA  C N1    1 
ATOM   287 C  C2    . DA  C 1 4 ? -2.977  -7.310  1.278   1.00 11.19 ? 4  DA  C C2    1 
ATOM   288 N  N3    . DA  C 1 4 ? -3.741  -7.544  0.211   1.00 12.34 ? 4  DA  C N3    1 
ATOM   289 C  C4    . DA  C 1 4 ? -4.929  -6.913  0.313   1.00 12.60 ? 4  DA  C C4    1 
ATOM   290 P  P     . DC  C 1 5 ? -7.168  -10.975 -4.272  1.00 20.65 ? 5  DC  C P     1 
ATOM   291 O  OP1   . DC  C 1 5 ? -6.496  -11.607 -5.424  1.00 21.71 ? 5  DC  C OP1   1 
ATOM   292 O  OP2   . DC  C 1 5 ? -8.638  -10.958 -4.159  1.00 20.81 ? 5  DC  C OP2   1 
ATOM   293 O  "O5'" . DC  C 1 5 ? -6.627  -11.628 -2.934  1.00 20.38 ? 5  DC  C "O5'" 1 
ATOM   294 C  "C5'" . DC  C 1 5 ? -5.259  -11.918 -2.755  1.00 19.26 ? 5  DC  C "C5'" 1 
ATOM   295 C  "C4'" . DC  C 1 5 ? -5.016  -12.214 -1.291  1.00 18.40 ? 5  DC  C "C4'" 1 
ATOM   296 O  "O4'" . DC  C 1 5 ? -5.222  -11.006 -0.519  1.00 17.07 ? 5  DC  C "O4'" 1 
ATOM   297 C  "C3'" . DC  C 1 5 ? -5.952  -13.265 -0.691  1.00 18.53 ? 5  DC  C "C3'" 1 
ATOM   298 O  "O3'" . DC  C 1 5 ? -5.181  -14.381 -0.257  1.00 19.55 ? 5  DC  C "O3'" 1 
ATOM   299 C  "C2'" . DC  C 1 5 ? -6.626  -12.544 0.472   1.00 17.72 ? 5  DC  C "C2'" 1 
ATOM   300 C  "C1'" . DC  C 1 5 ? -5.617  -11.436 0.757   1.00 16.30 ? 5  DC  C "C1'" 1 
ATOM   301 N  N1    . DC  C 1 5 ? -6.140  -10.317 1.603   1.00 13.98 ? 5  DC  C N1    1 
ATOM   302 C  C2    . DC  C 1 5 ? -5.367  -9.846  2.669   1.00 12.14 ? 5  DC  C C2    1 
ATOM   303 O  O2    . DC  C 1 5 ? -4.263  -10.347 2.890   1.00 11.36 ? 5  DC  C O2    1 
ATOM   304 N  N3    . DC  C 1 5 ? -5.860  -8.846  3.439   1.00 11.36 ? 5  DC  C N3    1 
ATOM   305 C  C4    . DC  C 1 5 ? -7.057  -8.327  3.179   1.00 10.86 ? 5  DC  C C4    1 
ATOM   306 N  N4    . DC  C 1 5 ? -7.495  -7.344  3.961   1.00 10.62 ? 5  DC  C N4    1 
ATOM   307 C  C5    . DC  C 1 5 ? -7.859  -8.786  2.095   1.00 11.86 ? 5  DC  C C5    1 
ATOM   308 C  C6    . DC  C 1 5 ? -7.369  -9.777  1.343   1.00 13.07 ? 5  DC  C C6    1 
ATOM   309 P  P     . DG  C 1 6 ? -5.861  -15.730 0.249   1.00 19.85 ? 6  DG  C P     1 
ATOM   310 O  OP1   . DG  C 1 6 ? -4.938  -16.825 -0.098  1.00 20.76 ? 6  DG  C OP1   1 
ATOM   311 O  OP2   . DG  C 1 6 ? -7.262  -15.752 -0.195  1.00 20.24 ? 6  DG  C OP2   1 
ATOM   312 O  "O5'" . DG  C 1 6 ? -5.896  -15.561 1.835   1.00 20.47 ? 6  DG  C "O5'" 1 
ATOM   313 C  "C5'" . DG  C 1 6 ? -4.783  -15.930 2.632   1.00 19.28 ? 6  DG  C "C5'" 1 
ATOM   314 C  "C4'" . DG  C 1 6 ? -5.235  -16.607 3.909   1.00 19.51 ? 6  DG  C "C4'" 1 
ATOM   315 O  "O4'" . DG  C 1 6 ? -6.045  -15.700 4.680   1.00 19.41 ? 6  DG  C "O4'" 1 
ATOM   316 C  "C3'" . DG  C 1 6 ? -6.122  -17.828 3.752   1.00 19.60 ? 6  DG  C "C3'" 1 
ATOM   317 O  "O3'" . DG  C 1 6 ? -5.298  -18.948 3.509   1.00 20.57 ? 6  DG  C "O3'" 1 
ATOM   318 C  "C2'" . DG  C 1 6 ? -6.800  -17.902 5.115   1.00 18.97 ? 6  DG  C "C2'" 1 
ATOM   319 C  "C1'" . DG  C 1 6 ? -6.867  -16.434 5.550   1.00 18.37 ? 6  DG  C "C1'" 1 
ATOM   320 N  N9    . DG  C 1 6 ? -8.179  -15.801 5.466   1.00 17.83 ? 6  DG  C N9    1 
ATOM   321 C  C8    . DG  C 1 6 ? -9.178  -16.074 4.568   1.00 17.55 ? 6  DG  C C8    1 
ATOM   322 N  N7    . DG  C 1 6 ? -10.240 -15.348 4.727   1.00 17.55 ? 6  DG  C N7    1 
ATOM   323 C  C5    . DG  C 1 6 ? -9.928  -14.532 5.797   1.00 17.09 ? 6  DG  C C5    1 
ATOM   324 C  C6    . DG  C 1 6 ? -10.696 -13.520 6.415   1.00 17.14 ? 6  DG  C C6    1 
ATOM   325 O  O6    . DG  C 1 6 ? -11.838 -13.146 6.134   1.00 17.51 ? 6  DG  C O6    1 
ATOM   326 N  N1    . DG  C 1 6 ? -10.011 -12.923 7.465   1.00 16.98 ? 6  DG  C N1    1 
ATOM   327 C  C2    . DG  C 1 6 ? -8.740  -13.263 7.862   1.00 17.05 ? 6  DG  C C2    1 
ATOM   328 N  N2    . DG  C 1 6 ? -8.248  -12.580 8.900   1.00 18.24 ? 6  DG  C N2    1 
ATOM   329 N  N3    . DG  C 1 6 ? -8.003  -14.200 7.286   1.00 17.22 ? 6  DG  C N3    1 
ATOM   330 C  C4    . DG  C 1 6 ? -8.660  -14.794 6.262   1.00 17.17 ? 6  DG  C C4    1 
ATOM   331 O  "O5'" . DC  D 1 1 ? 2.617   -3.756  12.913  1.00 34.47 ? 7  DC  D "O5'" 1 
ATOM   332 C  "C5'" . DC  D 1 1 ? 1.770   -2.696  13.314  1.00 34.01 ? 7  DC  D "C5'" 1 
ATOM   333 C  "C4'" . DC  D 1 1 ? 0.932   -3.136  14.496  1.00 33.85 ? 7  DC  D "C4'" 1 
ATOM   334 O  "O4'" . DC  D 1 1 ? 1.489   -2.596  15.722  1.00 34.72 ? 7  DC  D "O4'" 1 
ATOM   335 C  "C3'" . DC  D 1 1 ? -0.529  -2.706  14.422  1.00 33.21 ? 7  DC  D "C3'" 1 
ATOM   336 O  "O3'" . DC  D 1 1 ? -1.381  -3.851  14.471  1.00 30.99 ? 7  DC  D "O3'" 1 
ATOM   337 C  "C2'" . DC  D 1 1 ? -0.747  -1.790  15.629  1.00 34.35 ? 7  DC  D "C2'" 1 
ATOM   338 C  "C1'" . DC  D 1 1 ? 0.453   -2.067  16.533  1.00 35.31 ? 7  DC  D "C1'" 1 
ATOM   339 N  N1    . DC  D 1 1 ? 0.984   -0.873  17.309  1.00 36.08 ? 7  DC  D N1    1 
ATOM   340 C  C2    . DC  D 1 1 ? 0.765   -0.785  18.697  1.00 36.28 ? 7  DC  D C2    1 
ATOM   341 O  O2    . DC  D 1 1 ? 0.126   -1.675  19.274  1.00 36.25 ? 7  DC  D O2    1 
ATOM   342 N  N3    . DC  D 1 1 ? 1.260   0.292   19.376  1.00 36.31 ? 7  DC  D N3    1 
ATOM   343 C  C4    . DC  D 1 1 ? 1.948   1.241   18.731  1.00 35.82 ? 7  DC  D C4    1 
ATOM   344 N  N4    . DC  D 1 1 ? 2.411   2.271   19.442  1.00 35.55 ? 7  DC  D N4    1 
ATOM   345 C  C5    . DC  D 1 1 ? 2.188   1.175   17.325  1.00 35.94 ? 7  DC  D C5    1 
ATOM   346 C  C6    . DC  D 1 1 ? 1.695   0.114   16.668  1.00 36.20 ? 7  DC  D C6    1 
ATOM   347 P  P     . DG  D 1 2 ? -1.921  -4.571  13.145  1.00 28.13 ? 8  DG  D P     1 
ATOM   348 O  OP1   . DG  D 1 2 ? -2.177  -3.560  12.099  1.00 28.94 ? 8  DG  D OP1   1 
ATOM   349 O  OP2   . DG  D 1 2 ? -3.000  -5.477  13.586  1.00 27.50 ? 8  DG  D OP2   1 
ATOM   350 O  "O5'" . DG  D 1 2 ? -0.675  -5.413  12.629  1.00 25.25 ? 8  DG  D "O5'" 1 
ATOM   351 C  "C5'" . DG  D 1 2 ? -0.687  -6.794  12.814  1.00 20.68 ? 8  DG  D "C5'" 1 
ATOM   352 C  "C4'" . DG  D 1 2 ? 0.078   -7.581  11.776  1.00 16.90 ? 8  DG  D "C4'" 1 
ATOM   353 O  "O4'" . DG  D 1 2 ? -0.888  -8.494  11.236  1.00 13.48 ? 8  DG  D "O4'" 1 
ATOM   354 C  "C3'" . DG  D 1 2 ? 0.684   -6.839  10.594  1.00 17.19 ? 8  DG  D "C3'" 1 
ATOM   355 O  "O3'" . DG  D 1 2 ? 2.071   -6.822  10.804  1.00 22.12 ? 8  DG  D "O3'" 1 
ATOM   356 C  "C2'" . DG  D 1 2 ? 0.388   -7.752  9.414   1.00 13.30 ? 8  DG  D "C2'" 1 
ATOM   357 C  "C1'" . DG  D 1 2 ? -0.880  -8.447  9.836   1.00 7.86  ? 8  DG  D "C1'" 1 
ATOM   358 N  N9    . DG  D 1 2 ? -2.117  -7.830  9.379   1.00 2.00  ? 8  DG  D N9    1 
ATOM   359 C  C8    . DG  D 1 2 ? -3.004  -7.000  10.017  1.00 2.00  ? 8  DG  D C8    1 
ATOM   360 N  N7    . DG  D 1 2 ? -4.040  -6.675  9.287   1.00 2.00  ? 8  DG  D N7    1 
ATOM   361 C  C5    . DG  D 1 2 ? -3.817  -7.334  8.089   1.00 2.00  ? 8  DG  D C5    1 
ATOM   362 C  C6    . DG  D 1 2 ? -4.560  -7.406  6.885   1.00 2.00  ? 8  DG  D C6    1 
ATOM   363 O  O6    . DG  D 1 2 ? -5.628  -6.874  6.577   1.00 2.00  ? 8  DG  D O6    1 
ATOM   364 N  N1    . DG  D 1 2 ? -3.954  -8.224  5.941   1.00 2.00  ? 8  DG  D N1    1 
ATOM   365 C  C2    . DG  D 1 2 ? -2.756  -8.877  6.121   1.00 2.00  ? 8  DG  D C2    1 
ATOM   366 N  N2    . DG  D 1 2 ? -2.321  -9.642  5.129   1.00 2.00  ? 8  DG  D N2    1 
ATOM   367 N  N3    . DG  D 1 2 ? -2.061  -8.837  7.224   1.00 2.00  ? 8  DG  D N3    1 
ATOM   368 C  C4    . DG  D 1 2 ? -2.646  -8.051  8.150   1.00 2.00  ? 8  DG  D C4    1 
ATOM   369 P  P     . DT  D 1 3 ? 3.138   -6.134  9.830   1.00 24.50 ? 9  DT  D P     1 
ATOM   370 O  OP1   . DT  D 1 3 ? 4.461   -6.465  10.422  1.00 25.70 ? 9  DT  D OP1   1 
ATOM   371 O  OP2   . DT  D 1 3 ? 2.725   -4.729  9.620   1.00 23.94 ? 9  DT  D OP2   1 
ATOM   372 O  "O5'" . DT  D 1 3 ? 3.036   -6.909  8.448   1.00 24.09 ? 9  DT  D "O5'" 1 
ATOM   373 C  "C5'" . DT  D 1 3 ? 3.789   -8.088  8.234   1.00 23.51 ? 9  DT  D "C5'" 1 
ATOM   374 C  "C4'" . DT  D 1 3 ? 3.682   -8.477  6.776   1.00 22.79 ? 9  DT  D "C4'" 1 
ATOM   375 O  "O4'" . DT  D 1 3 ? 2.301   -8.371  6.367   1.00 22.55 ? 9  DT  D "O4'" 1 
ATOM   376 C  "C3'" . DT  D 1 3 ? 4.460   -7.595  5.818   1.00 23.02 ? 9  DT  D "C3'" 1 
ATOM   377 O  "O3'" . DT  D 1 3 ? 5.054   -8.444  4.842   1.00 24.17 ? 9  DT  D "O3'" 1 
ATOM   378 C  "C2'" . DT  D 1 3 ? 3.389   -6.669  5.243   1.00 22.22 ? 9  DT  D "C2'" 1 
ATOM   379 C  "C1'" . DT  D 1 3 ? 2.166   -7.570  5.218   1.00 20.55 ? 9  DT  D "C1'" 1 
ATOM   380 N  N1    . DT  D 1 3 ? 0.866   -6.836  5.310   1.00 18.39 ? 9  DT  D N1    1 
ATOM   381 C  C2    . DT  D 1 3 ? -0.087  -6.940  4.315   1.00 17.02 ? 9  DT  D C2    1 
ATOM   382 O  O2    . DT  D 1 3 ? 0.039   -7.613  3.317   1.00 17.14 ? 9  DT  D O2    1 
ATOM   383 N  N3    . DT  D 1 3 ? -1.224  -6.210  4.527   1.00 15.89 ? 9  DT  D N3    1 
ATOM   384 C  C4    . DT  D 1 3 ? -1.504  -5.405  5.614   1.00 15.94 ? 9  DT  D C4    1 
ATOM   385 O  O4    . DT  D 1 3 ? -2.561  -4.790  5.715   1.00 16.45 ? 9  DT  D O4    1 
ATOM   386 C  C5    . DT  D 1 3 ? -0.470  -5.342  6.618   1.00 15.94 ? 9  DT  D C5    1 
ATOM   387 C  C7    . DT  D 1 3 ? -0.629  -4.508  7.852   1.00 15.77 ? 9  DT  D C7    1 
ATOM   388 C  C6    . DT  D 1 3 ? 0.640   -6.047  6.417   1.00 17.18 ? 9  DT  D C6    1 
ATOM   389 P  P     . DA  D 1 4 ? 5.888   -7.875  3.604   1.00 24.12 ? 10 DA  D P     1 
ATOM   390 O  OP1   . DA  D 1 4 ? 6.886   -8.904  3.234   1.00 24.06 ? 10 DA  D OP1   1 
ATOM   391 O  OP2   . DA  D 1 4 ? 6.294   -6.484  3.912   1.00 23.35 ? 10 DA  D OP2   1 
ATOM   392 O  "O5'" . DA  D 1 4 ? 4.782   -7.816  2.449   1.00 22.71 ? 10 DA  D "O5'" 1 
ATOM   393 C  "C5'" . DA  D 1 4 ? 4.324   -8.997  1.795   1.00 19.00 ? 10 DA  D "C5'" 1 
ATOM   394 C  "C4'" . DA  D 1 4 ? 3.744   -8.662  0.432   1.00 15.93 ? 10 DA  D "C4'" 1 
ATOM   395 O  "O4'" . DA  D 1 4 ? 2.491   -7.965  0.592   1.00 13.24 ? 10 DA  D "O4'" 1 
ATOM   396 C  "C3'" . DA  D 1 4 ? 4.616   -7.758  -0.431  1.00 15.61 ? 10 DA  D "C3'" 1 
ATOM   397 O  "O3'" . DA  D 1 4 ? 4.575   -8.218  -1.764  1.00 17.83 ? 10 DA  D "O3'" 1 
ATOM   398 C  "C2'" . DA  D 1 4 ? 3.989   -6.376  -0.277  1.00 12.65 ? 10 DA  D "C2'" 1 
ATOM   399 C  "C1'" . DA  D 1 4 ? 2.525   -6.698  -0.032  1.00 8.81  ? 10 DA  D "C1'" 1 
ATOM   400 N  N9    . DA  D 1 4 ? 1.873   -5.778  0.890   1.00 3.21  ? 10 DA  D N9    1 
ATOM   401 C  C8    . DA  D 1 4 ? 2.380   -5.323  2.071   1.00 2.00  ? 10 DA  D C8    1 
ATOM   402 N  N7    . DA  D 1 4 ? 1.542   -4.520  2.685   1.00 2.00  ? 10 DA  D N7    1 
ATOM   403 C  C5    . DA  D 1 4 ? 0.422   -4.430  1.872   1.00 2.00  ? 10 DA  D C5    1 
ATOM   404 C  C6    . DA  D 1 4 ? -0.787  -3.720  1.985   1.00 2.00  ? 10 DA  D C6    1 
ATOM   405 N  N6    . DA  D 1 4 ? -1.124  -2.932  3.003   1.00 3.15  ? 10 DA  D N6    1 
ATOM   406 N  N1    . DA  D 1 4 ? -1.663  -3.864  0.988   1.00 2.00  ? 10 DA  D N1    1 
ATOM   407 C  C2    . DA  D 1 4 ? -1.326  -4.649  -0.039  1.00 2.00  ? 10 DA  D C2    1 
ATOM   408 N  N3    . DA  D 1 4 ? -0.237  -5.376  -0.256  1.00 2.00  ? 10 DA  D N3    1 
ATOM   409 C  C4    . DA  D 1 4 ? 0.621   -5.219  0.759   1.00 2.00  ? 10 DA  D C4    1 
ATOM   410 P  P     . DC  D 1 5 ? 5.576   -7.682  -2.880  1.00 18.58 ? 11 DC  D P     1 
ATOM   411 O  OP1   . DC  D 1 5 ? 5.775   -8.767  -3.853  1.00 19.24 ? 11 DC  D OP1   1 
ATOM   412 O  OP2   . DC  D 1 5 ? 6.745   -7.049  -2.244  1.00 19.37 ? 11 DC  D OP2   1 
ATOM   413 O  "O5'" . DC  D 1 5 ? 4.702   -6.530  -3.535  1.00 18.74 ? 11 DC  D "O5'" 1 
ATOM   414 C  "C5'" . DC  D 1 5 ? 3.435   -6.801  -4.121  1.00 17.99 ? 11 DC  D "C5'" 1 
ATOM   415 C  "C4'" . DC  D 1 5 ? 2.710   -5.504  -4.428  1.00 17.48 ? 11 DC  D "C4'" 1 
ATOM   416 O  "O4'" . DC  D 1 5 ? 2.196   -4.948  -3.193  1.00 16.78 ? 11 DC  D "O4'" 1 
ATOM   417 C  "C3'" . DC  D 1 5 ? 3.562   -4.403  -5.069  1.00 17.23 ? 11 DC  D "C3'" 1 
ATOM   418 O  "O3'" . DC  D 1 5 ? 2.889   -3.895  -6.230  1.00 17.82 ? 11 DC  D "O3'" 1 
ATOM   419 C  "C2'" . DC  D 1 5 ? 3.684   -3.367  -3.949  1.00 16.08 ? 11 DC  D "C2'" 1 
ATOM   420 C  "C1'" . DC  D 1 5 ? 2.319   -3.551  -3.296  1.00 15.45 ? 11 DC  D "C1'" 1 
ATOM   421 N  N1    . DC  D 1 5 ? 2.130   -2.896  -1.968  1.00 13.59 ? 11 DC  D N1    1 
ATOM   422 C  C2    . DC  D 1 5 ? 0.919   -2.258  -1.683  1.00 12.60 ? 11 DC  D C2    1 
ATOM   423 O  O2    . DC  D 1 5 ? 0.015   -2.241  -2.522  1.00 12.92 ? 11 DC  D O2    1 
ATOM   424 N  N3    . DC  D 1 5 ? 0.766   -1.657  -0.484  1.00 12.33 ? 11 DC  D N3    1 
ATOM   425 C  C4    . DC  D 1 5 ? 1.754   -1.677  0.407   1.00 12.48 ? 11 DC  D C4    1 
ATOM   426 N  N4    . DC  D 1 5 ? 1.546   -1.071  1.581   1.00 13.25 ? 11 DC  D N4    1 
ATOM   427 C  C5    . DC  D 1 5 ? 2.995   -2.323  0.143   1.00 12.89 ? 11 DC  D C5    1 
ATOM   428 C  C6    . DC  D 1 5 ? 3.139   -2.909  -1.049  1.00 13.39 ? 11 DC  D C6    1 
ATOM   429 P  P     . DG  D 1 6 ? 3.635   -3.066  -7.379  1.00 16.33 ? 12 DG  D P     1 
ATOM   430 O  OP1   . DG  D 1 6 ? 2.750   -3.064  -8.559  1.00 17.22 ? 12 DG  D OP1   1 
ATOM   431 O  OP2   . DG  D 1 6 ? 5.015   -3.546  -7.483  1.00 16.34 ? 12 DG  D OP2   1 
ATOM   432 O  "O5'" . DG  D 1 6 ? 3.689   -1.589  -6.798  1.00 17.58 ? 12 DG  D "O5'" 1 
ATOM   433 C  "C5'" . DG  D 1 6 ? 2.515   -0.848  -6.542  1.00 17.22 ? 12 DG  D "C5'" 1 
ATOM   434 C  "C4'" . DG  D 1 6 ? 2.864   0.619   -6.509  1.00 18.02 ? 12 DG  D "C4'" 1 
ATOM   435 O  "O4'" . DG  D 1 6 ? 3.795   0.843   -5.426  1.00 18.88 ? 12 DG  D "O4'" 1 
ATOM   436 C  "C3'" . DG  D 1 6 ? 3.554   1.110   -7.769  1.00 18.66 ? 12 DG  D "C3'" 1 
ATOM   437 O  "O3'" . DG  D 1 6 ? 2.617   1.776   -8.600  1.00 18.69 ? 12 DG  D "O3'" 1 
ATOM   438 C  "C2'" . DG  D 1 6 ? 4.652   2.033   -7.240  1.00 18.91 ? 12 DG  D "C2'" 1 
ATOM   439 C  "C1'" . DG  D 1 6 ? 5.012   1.379   -5.912  1.00 19.05 ? 12 DG  D "C1'" 1 
ATOM   440 N  N9    . DG  D 1 6 ? 5.971   0.278   -5.972  1.00 19.94 ? 12 DG  D N9    1 
ATOM   441 C  C8    . DG  D 1 6 ? 6.629   -0.208  -7.076  1.00 20.34 ? 12 DG  D C8    1 
ATOM   442 N  N7    . DG  D 1 6 ? 7.415   -1.212  -6.824  1.00 20.88 ? 12 DG  D N7    1 
ATOM   443 C  C5    . DG  D 1 6 ? 7.271   -1.415  -5.466  1.00 21.48 ? 12 DG  D C5    1 
ATOM   444 C  C6    . DG  D 1 6 ? 7.878   -2.374  -4.624  1.00 22.16 ? 12 DG  D C6    1 
ATOM   445 O  O6    . DG  D 1 6 ? 8.692   -3.250  -4.934  1.00 23.17 ? 12 DG  D O6    1 
ATOM   446 N  N1    . DG  D 1 6 ? 7.461   -2.251  -3.300  1.00 22.31 ? 12 DG  D N1    1 
ATOM   447 C  C2    . DG  D 1 6 ? 6.566   -1.312  -2.848  1.00 22.11 ? 12 DG  D C2    1 
ATOM   448 N  N2    . DG  D 1 6 ? 6.291   -1.340  -1.536  1.00 23.17 ? 12 DG  D N2    1 
ATOM   449 N  N3    . DG  D 1 6 ? 5.987   -0.404  -3.627  1.00 21.96 ? 12 DG  D N3    1 
ATOM   450 C  C4    . DG  D 1 6 ? 6.383   -0.510  -4.924  1.00 21.23 ? 12 DG  D C4    1 
HETATM 451 CA CA    . CA  E 2 . ? 1.242   -4.477  -9.899  1.00 36.44 ? 1  CA  B CA    1 
HETATM 452 C  C1    . BER F 3 . ? -5.650  -11.218 7.179   1.00 18.98 ? 7  BER C C1    1 
HETATM 453 C  C2    . BER F 3 . ? -4.595  -11.301 8.220   1.00 18.81 ? 7  BER C C2    1 
HETATM 454 N  N1    . BER F 3 . ? -5.572  -12.035 6.017   1.00 19.01 ? 7  BER C N1    1 
HETATM 455 C  C3    . BER F 3 . ? -6.753  -10.392 7.410   1.00 19.07 ? 7  BER C C3    1 
HETATM 456 C  C4    . BER F 3 . ? -3.388  -12.152 7.993   1.00 18.59 ? 7  BER C C4    1 
HETATM 457 C  C5    . BER F 3 . ? -4.847  -10.695 9.455   1.00 18.38 ? 7  BER C C5    1 
HETATM 458 C  C6    . BER F 3 . ? -6.564  -12.005 5.093   1.00 19.33 ? 7  BER C C6    1 
HETATM 459 C  C7    . BER F 3 . ? -4.426  -12.933 5.765   1.00 18.93 ? 7  BER C C7    1 
HETATM 460 C  C8    . BER F 3 . ? -7.781  -10.340 6.476   1.00 19.57 ? 7  BER C C8    1 
HETATM 461 C  C9    . BER F 3 . ? -2.406  -12.260 8.982   1.00 17.85 ? 7  BER C C9    1 
HETATM 462 C  C10   . BER F 3 . ? -3.172  -12.800 6.641   1.00 18.67 ? 7  BER C C10   1 
HETATM 463 C  C11   . BER F 3 . ? -3.872  -10.839 10.419  1.00 18.42 ? 7  BER C C11   1 
HETATM 464 C  C12   . BER F 3 . ? -7.688  -11.183 5.255   1.00 19.61 ? 7  BER C C12   1 
HETATM 465 C  C13   . BER F 3 . ? -8.883  -9.516  6.681   1.00 19.61 ? 7  BER C C13   1 
HETATM 466 C  C14   . BER F 3 . ? -2.663  -11.619 10.186  1.00 18.21 ? 7  BER C C14   1 
HETATM 467 O  O1    . BER F 3 . ? -3.832  -10.344 11.684  1.00 19.34 ? 7  BER C O1    1 
HETATM 468 C  C15   . BER F 3 . ? -8.812  -11.117 4.268   1.00 20.63 ? 7  BER C C15   1 
HETATM 469 C  C16   . BER F 3 . ? -9.925  -9.447  5.755   1.00 20.18 ? 7  BER C C16   1 
HETATM 470 O  O2    . BER F 3 . ? -1.922  -11.567 11.327  1.00 19.35 ? 7  BER C O2    1 
HETATM 471 C  C17   . BER F 3 . ? -2.633  -10.812 12.331  1.00 19.16 ? 7  BER C C17   1 
HETATM 472 C  C18   . BER F 3 . ? -9.952  -10.183 4.568   1.00 20.95 ? 7  BER C C18   1 
HETATM 473 O  O3    . BER F 3 . ? -8.729  -11.869 3.122   1.00 22.47 ? 7  BER C O3    1 
HETATM 474 O  O4    . BER F 3 . ? -11.074 -9.990  3.778   1.00 22.88 ? 7  BER C O4    1 
HETATM 475 C  C19   . BER F 3 . ? -9.722  -12.810 2.708   1.00 22.09 ? 7  BER C C19   1 
HETATM 476 C  C20   . BER F 3 . ? -11.113 -9.954  2.345   1.00 24.23 ? 7  BER C C20   1 
HETATM 477 O  O     . HOH G 4 . ? 1.874   4.107   -7.439  1.00 15.59 ? 1  HOH D O     1 
# 
loop_
_pdbx_poly_seq_scheme.asym_id 
_pdbx_poly_seq_scheme.entity_id 
_pdbx_poly_seq_scheme.seq_id 
_pdbx_poly_seq_scheme.mon_id 
_pdbx_poly_seq_scheme.ndb_seq_num 
_pdbx_poly_seq_scheme.pdb_seq_num 
_pdbx_poly_seq_scheme.auth_seq_num 
_pdbx_poly_seq_scheme.pdb_mon_id 
_pdbx_poly_seq_scheme.auth_mon_id 
_pdbx_poly_seq_scheme.pdb_strand_id 
_pdbx_poly_seq_scheme.pdb_ins_code 
_pdbx_poly_seq_scheme.hetero 
A 1 1 DC 1 1  1  DC DC A . n 
A 1 2 DG 2 2  2  DG DG A . n 
A 1 3 DT 3 3  3  DT DT A . n 
A 1 4 DA 4 4  4  DA DA A . n 
A 1 5 DC 5 5  5  DC DC A . n 
A 1 6 DG 6 6  6  DG DG A . n 
B 1 1 DC 1 7  7  DC DC B . n 
B 1 2 DG 2 8  8  DG DG B . n 
B 1 3 DT 3 9  9  DT DT B . n 
B 1 4 DA 4 10 10 DA DA B . n 
B 1 5 DC 5 11 11 DC DC B . n 
B 1 6 DG 6 12 12 DG DG B . n 
C 1 1 DC 1 1  1  DC DC C . n 
C 1 2 DG 2 2  2  DG DG C . n 
C 1 3 DT 3 3  3  DT DT C . n 
C 1 4 DA 4 4  4  DA DA C . n 
C 1 5 DC 5 5  5  DC DC C . n 
C 1 6 DG 6 6  6  DG DG C . n 
D 1 1 DC 1 7  7  DC DC D . n 
D 1 2 DG 2 8  8  DG DG D . n 
D 1 3 DT 3 9  9  DT DT D . n 
D 1 4 DA 4 10 10 DA DA D . n 
D 1 5 DC 5 11 11 DC DC D . n 
D 1 6 DG 6 12 12 DG DG D . n 
# 
loop_
_pdbx_nonpoly_scheme.asym_id 
_pdbx_nonpoly_scheme.entity_id 
_pdbx_nonpoly_scheme.mon_id 
_pdbx_nonpoly_scheme.ndb_seq_num 
_pdbx_nonpoly_scheme.pdb_seq_num 
_pdbx_nonpoly_scheme.auth_seq_num 
_pdbx_nonpoly_scheme.pdb_mon_id 
_pdbx_nonpoly_scheme.auth_mon_id 
_pdbx_nonpoly_scheme.pdb_strand_id 
_pdbx_nonpoly_scheme.pdb_ins_code 
E 2 CA  1 1 1 CA  CA  B . 
F 3 BER 1 7 1 BER BER C . 
G 4 HOH 1 1 1 HOH HOH D . 
# 
_struct_site_keywords.site_id   1 
_struct_site_keywords.text      'MINOR GROOVE BINDER' 
# 
loop_
_pdbx_struct_assembly.id 
_pdbx_struct_assembly.details 
_pdbx_struct_assembly.method_details 
_pdbx_struct_assembly.oligomeric_details 
_pdbx_struct_assembly.oligomeric_count 
1 author_and_software_defined_assembly PISA dimeric 2 
2 author_and_software_defined_assembly PISA dimeric 2 
# 
loop_
_pdbx_struct_assembly_gen.assembly_id 
_pdbx_struct_assembly_gen.oper_expression 
_pdbx_struct_assembly_gen.asym_id_list 
1 1 A,B,E   
2 1 C,D,F,G 
# 
loop_
_pdbx_struct_assembly_prop.biol_id 
_pdbx_struct_assembly_prop.type 
_pdbx_struct_assembly_prop.value 
_pdbx_struct_assembly_prop.details 
1 'ABSA (A^2)' 360  ? 
1 MORE         -2   ? 
1 'SSA (A^2)'  2700 ? 
2 'ABSA (A^2)' 360  ? 
2 MORE         -2   ? 
2 'SSA (A^2)'  2700 ? 
# 
_pdbx_struct_oper_list.id                   1 
_pdbx_struct_oper_list.type                 'identity operation' 
_pdbx_struct_oper_list.name                 1_555 
_pdbx_struct_oper_list.symmetry_operation   x,y,z 
_pdbx_struct_oper_list.matrix[1][1]         1.0000000000 
_pdbx_struct_oper_list.matrix[1][2]         0.0000000000 
_pdbx_struct_oper_list.matrix[1][3]         0.0000000000 
_pdbx_struct_oper_list.vector[1]            0.0000000000 
_pdbx_struct_oper_list.matrix[2][1]         0.0000000000 
_pdbx_struct_oper_list.matrix[2][2]         1.0000000000 
_pdbx_struct_oper_list.matrix[2][3]         0.0000000000 
_pdbx_struct_oper_list.vector[2]            0.0000000000 
_pdbx_struct_oper_list.matrix[3][1]         0.0000000000 
_pdbx_struct_oper_list.matrix[3][2]         0.0000000000 
_pdbx_struct_oper_list.matrix[3][3]         1.0000000000 
_pdbx_struct_oper_list.vector[3]            0.0000000000 
# 
_pdbx_struct_conn_angle.id                    1 
_pdbx_struct_conn_angle.ptnr1_label_atom_id   OP1 
_pdbx_struct_conn_angle.ptnr1_label_alt_id    ? 
_pdbx_struct_conn_angle.ptnr1_label_asym_id   B 
_pdbx_struct_conn_angle.ptnr1_label_comp_id   DG 
_pdbx_struct_conn_angle.ptnr1_label_seq_id    6 
_pdbx_struct_conn_angle.ptnr1_auth_atom_id    ? 
_pdbx_struct_conn_angle.ptnr1_auth_asym_id    B 
_pdbx_struct_conn_angle.ptnr1_auth_comp_id    DG 
_pdbx_struct_conn_angle.ptnr1_auth_seq_id     12 
_pdbx_struct_conn_angle.ptnr1_PDB_ins_code    ? 
_pdbx_struct_conn_angle.ptnr1_symmetry        1_555 
_pdbx_struct_conn_angle.ptnr2_label_atom_id   CA 
_pdbx_struct_conn_angle.ptnr2_label_alt_id    ? 
_pdbx_struct_conn_angle.ptnr2_label_asym_id   E 
_pdbx_struct_conn_angle.ptnr2_label_comp_id   CA 
_pdbx_struct_conn_angle.ptnr2_label_seq_id    . 
_pdbx_struct_conn_angle.ptnr2_auth_atom_id    ? 
_pdbx_struct_conn_angle.ptnr2_auth_asym_id    B 
_pdbx_struct_conn_angle.ptnr2_auth_comp_id    CA 
_pdbx_struct_conn_angle.ptnr2_auth_seq_id     1 
_pdbx_struct_conn_angle.ptnr2_PDB_ins_code    ? 
_pdbx_struct_conn_angle.ptnr2_symmetry        1_555 
_pdbx_struct_conn_angle.ptnr3_label_atom_id   OP1 
_pdbx_struct_conn_angle.ptnr3_label_alt_id    ? 
_pdbx_struct_conn_angle.ptnr3_label_asym_id   D 
_pdbx_struct_conn_angle.ptnr3_label_comp_id   DG 
_pdbx_struct_conn_angle.ptnr3_label_seq_id    6 
_pdbx_struct_conn_angle.ptnr3_auth_atom_id    ? 
_pdbx_struct_conn_angle.ptnr3_auth_asym_id    D 
_pdbx_struct_conn_angle.ptnr3_auth_comp_id    DG 
_pdbx_struct_conn_angle.ptnr3_auth_seq_id     12 
_pdbx_struct_conn_angle.ptnr3_PDB_ins_code    ? 
_pdbx_struct_conn_angle.ptnr3_symmetry        1_555 
_pdbx_struct_conn_angle.value                 79.6 
_pdbx_struct_conn_angle.value_esd             ? 
# 
loop_
_pdbx_audit_revision_history.ordinal 
_pdbx_audit_revision_history.data_content_type 
_pdbx_audit_revision_history.major_revision 
_pdbx_audit_revision_history.minor_revision 
_pdbx_audit_revision_history.revision_date 
1 'Structure model' 1 0 2011-05-04 
2 'Structure model' 1 1 2011-07-13 
3 'Structure model' 1 2 2023-11-01 
# 
_pdbx_audit_revision_details.ordinal             1 
_pdbx_audit_revision_details.revision_ordinal    1 
_pdbx_audit_revision_details.data_content_type   'Structure model' 
_pdbx_audit_revision_details.provider            repository 
_pdbx_audit_revision_details.type                'Initial release' 
_pdbx_audit_revision_details.description         ? 
_pdbx_audit_revision_details.details             ? 
# 
loop_
_pdbx_audit_revision_group.ordinal 
_pdbx_audit_revision_group.revision_ordinal 
_pdbx_audit_revision_group.data_content_type 
_pdbx_audit_revision_group.group 
1 2 'Structure model' 'Version format compliance' 
2 3 'Structure model' 'Data collection'           
3 3 'Structure model' 'Database references'       
4 3 'Structure model' 'Derived calculations'      
5 3 'Structure model' 'Refinement description'    
# 
loop_
_pdbx_audit_revision_category.ordinal 
_pdbx_audit_revision_category.revision_ordinal 
_pdbx_audit_revision_category.data_content_type 
_pdbx_audit_revision_category.category 
1 3 'Structure model' chem_comp_atom                
2 3 'Structure model' chem_comp_bond                
3 3 'Structure model' database_2                    
4 3 'Structure model' pdbx_initial_refinement_model 
5 3 'Structure model' struct_conn                   
6 3 'Structure model' struct_site                   
# 
loop_
_pdbx_audit_revision_item.ordinal 
_pdbx_audit_revision_item.revision_ordinal 
_pdbx_audit_revision_item.data_content_type 
_pdbx_audit_revision_item.item 
1  3 'Structure model' '_database_2.pdbx_DOI'                
2  3 'Structure model' '_database_2.pdbx_database_accession' 
3  3 'Structure model' '_struct_conn.ptnr1_auth_asym_id'     
4  3 'Structure model' '_struct_conn.ptnr1_auth_comp_id'     
5  3 'Structure model' '_struct_conn.ptnr1_auth_seq_id'      
6  3 'Structure model' '_struct_conn.ptnr1_label_asym_id'    
7  3 'Structure model' '_struct_conn.ptnr1_label_atom_id'    
8  3 'Structure model' '_struct_conn.ptnr1_label_comp_id'    
9  3 'Structure model' '_struct_conn.ptnr1_label_seq_id'     
10 3 'Structure model' '_struct_conn.ptnr2_auth_asym_id'     
11 3 'Structure model' '_struct_conn.ptnr2_auth_comp_id'     
12 3 'Structure model' '_struct_conn.ptnr2_auth_seq_id'      
13 3 'Structure model' '_struct_conn.ptnr2_label_asym_id'    
14 3 'Structure model' '_struct_conn.ptnr2_label_atom_id'    
15 3 'Structure model' '_struct_conn.ptnr2_label_comp_id'    
16 3 'Structure model' '_struct_conn.ptnr2_label_seq_id'     
17 3 'Structure model' '_struct_site.pdbx_auth_asym_id'      
18 3 'Structure model' '_struct_site.pdbx_auth_comp_id'      
19 3 'Structure model' '_struct_site.pdbx_auth_seq_id'       
# 
_pdbx_phasing_MR.entry_id                     3NP6 
_pdbx_phasing_MR.method_rotation              ? 
_pdbx_phasing_MR.method_translation           ? 
_pdbx_phasing_MR.model_details                ? 
_pdbx_phasing_MR.R_factor                     ? 
_pdbx_phasing_MR.R_rigid_body                 ? 
_pdbx_phasing_MR.correlation_coeff_Fo_to_Fc   ? 
_pdbx_phasing_MR.correlation_coeff_Io_to_Ic   ? 
_pdbx_phasing_MR.d_res_high_rotation          3.500 
_pdbx_phasing_MR.d_res_low_rotation           39.420 
_pdbx_phasing_MR.d_res_high_translation       3.500 
_pdbx_phasing_MR.d_res_low_translation        39.420 
_pdbx_phasing_MR.packing                      ? 
_pdbx_phasing_MR.reflns_percent_rotation      ? 
_pdbx_phasing_MR.reflns_percent_translation   ? 
_pdbx_phasing_MR.sigma_F_rotation             ? 
_pdbx_phasing_MR.sigma_F_translation          ? 
_pdbx_phasing_MR.sigma_I_rotation             ? 
_pdbx_phasing_MR.sigma_I_translation          ? 
# 
_phasing.method   MR 
# 
loop_
_software.pdbx_ordinal 
_software.name 
_software.version 
_software.date 
_software.type 
_software.contact_author 
_software.contact_author_email 
_software.classification 
_software.location 
_software.language 
_software.citation_id 
1 XSCALE      .    ?               package 'Wolfgang Kabsch'    ?                        'data scaling'    
http://www.mpimf-heidelberg.mpg.de/~kabsch/xds/html_doc/xscale_program.html ?          ? 
2 MOLREP      .    ?               program 'Alexei Vaguine'     alexei@ysbl.york.ac.uk   phasing           
http://www.ccp4.ac.uk/dist/html/molrep.html                                 Fortran_77 ? 
3 REFMAC      .    ?               program 'Garib N. Murshudov' garib@ysbl.york.ac.uk    refinement        
http://www.ccp4.ac.uk/dist/html/refmac5.html                                Fortran_77 ? 
4 PDB_EXTRACT 3.10 'June 10, 2010' package PDB                  deposit@deposit.rcsb.org 'data extraction' 
http://sw-tools.pdb.org/apps/PDB_EXTRACT/                                   C++        ? 
5 CrysalisPro .    ?               ?       ?                    ?                        'data collection' ? ?          ? 
6 XDS         .    ?               ?       ?                    ?                        'data reduction'  ? ?          ? 
# 
loop_
_pdbx_validate_rmsd_angle.id 
_pdbx_validate_rmsd_angle.PDB_model_num 
_pdbx_validate_rmsd_angle.auth_atom_id_1 
_pdbx_validate_rmsd_angle.auth_asym_id_1 
_pdbx_validate_rmsd_angle.auth_comp_id_1 
_pdbx_validate_rmsd_angle.auth_seq_id_1 
_pdbx_validate_rmsd_angle.PDB_ins_code_1 
_pdbx_validate_rmsd_angle.label_alt_id_1 
_pdbx_validate_rmsd_angle.auth_atom_id_2 
_pdbx_validate_rmsd_angle.auth_asym_id_2 
_pdbx_validate_rmsd_angle.auth_comp_id_2 
_pdbx_validate_rmsd_angle.auth_seq_id_2 
_pdbx_validate_rmsd_angle.PDB_ins_code_2 
_pdbx_validate_rmsd_angle.label_alt_id_2 
_pdbx_validate_rmsd_angle.auth_atom_id_3 
_pdbx_validate_rmsd_angle.auth_asym_id_3 
_pdbx_validate_rmsd_angle.auth_comp_id_3 
_pdbx_validate_rmsd_angle.auth_seq_id_3 
_pdbx_validate_rmsd_angle.PDB_ins_code_3 
_pdbx_validate_rmsd_angle.label_alt_id_3 
_pdbx_validate_rmsd_angle.angle_value 
_pdbx_validate_rmsd_angle.angle_target_value 
_pdbx_validate_rmsd_angle.angle_deviation 
_pdbx_validate_rmsd_angle.angle_standard_deviation 
_pdbx_validate_rmsd_angle.linker_flag 
1 1 "O4'" A DC 5  ? ? "C1'" A DC 5  ? ? N1 A DC 5  ? ? 110.91 108.30 2.61  0.30 N 
2 1 C6    B DA 10 ? ? N1    B DA 10 ? ? C2 B DA 10 ? ? 114.17 118.60 -4.43 0.60 N 
3 1 C8    B DA 10 ? ? N9    B DA 10 ? ? C4 B DA 10 ? ? 103.33 105.80 -2.47 0.40 N 
4 1 N1    B DC 11 ? ? C2    B DC 11 ? ? O2 B DC 11 ? ? 122.87 118.90 3.97  0.60 N 
5 1 "O4'" C DC 5  ? ? "C1'" C DC 5  ? ? N1 C DC 5  ? ? 112.49 108.30 4.19  0.30 N 
6 1 "O4'" D DC 11 ? ? "C1'" D DC 11 ? ? N1 D DC 11 ? ? 111.08 108.30 2.78  0.30 N 
# 
loop_
_pdbx_unobs_or_zero_occ_atoms.id 
_pdbx_unobs_or_zero_occ_atoms.PDB_model_num 
_pdbx_unobs_or_zero_occ_atoms.polymer_flag 
_pdbx_unobs_or_zero_occ_atoms.occupancy_flag 
_pdbx_unobs_or_zero_occ_atoms.auth_asym_id 
_pdbx_unobs_or_zero_occ_atoms.auth_comp_id 
_pdbx_unobs_or_zero_occ_atoms.auth_seq_id 
_pdbx_unobs_or_zero_occ_atoms.PDB_ins_code 
_pdbx_unobs_or_zero_occ_atoms.auth_atom_id 
_pdbx_unobs_or_zero_occ_atoms.label_alt_id 
_pdbx_unobs_or_zero_occ_atoms.label_asym_id 
_pdbx_unobs_or_zero_occ_atoms.label_comp_id 
_pdbx_unobs_or_zero_occ_atoms.label_seq_id 
_pdbx_unobs_or_zero_occ_atoms.label_atom_id 
1  1 Y 1 A DC 1 ? "O5'" ? A DC 1 "O5'" 
2  1 Y 1 A DC 1 ? "C5'" ? A DC 1 "C5'" 
3  1 Y 1 A DC 1 ? "C4'" ? A DC 1 "C4'" 
4  1 Y 1 A DC 1 ? "O4'" ? A DC 1 "O4'" 
5  1 Y 1 A DC 1 ? "C3'" ? A DC 1 "C3'" 
6  1 Y 1 A DC 1 ? "C2'" ? A DC 1 "C2'" 
7  1 Y 1 A DC 1 ? "C1'" ? A DC 1 "C1'" 
8  1 Y 1 A DC 1 ? N1    ? A DC 1 N1    
9  1 Y 1 A DC 1 ? C2    ? A DC 1 C2    
10 1 Y 1 A DC 1 ? O2    ? A DC 1 O2    
11 1 Y 1 A DC 1 ? N3    ? A DC 1 N3    
12 1 Y 1 A DC 1 ? C4    ? A DC 1 C4    
13 1 Y 1 A DC 1 ? N4    ? A DC 1 N4    
14 1 Y 1 A DC 1 ? C5    ? A DC 1 C5    
15 1 Y 1 A DC 1 ? C6    ? A DC 1 C6    
16 1 Y 1 C DC 1 ? "O5'" ? C DC 1 "O5'" 
17 1 Y 1 C DC 1 ? "C5'" ? C DC 1 "C5'" 
18 1 Y 1 C DC 1 ? "C4'" ? C DC 1 "C4'" 
19 1 Y 1 C DC 1 ? "O4'" ? C DC 1 "O4'" 
20 1 Y 1 C DC 1 ? "C3'" ? C DC 1 "C3'" 
21 1 Y 1 C DC 1 ? "C2'" ? C DC 1 "C2'" 
22 1 Y 1 C DC 1 ? "C1'" ? C DC 1 "C1'" 
23 1 Y 1 C DC 1 ? N1    ? C DC 1 N1    
24 1 Y 1 C DC 1 ? C2    ? C DC 1 C2    
25 1 Y 1 C DC 1 ? O2    ? C DC 1 O2    
26 1 Y 1 C DC 1 ? N3    ? C DC 1 N3    
27 1 Y 1 C DC 1 ? C4    ? C DC 1 C4    
28 1 Y 1 C DC 1 ? N4    ? C DC 1 N4    
29 1 Y 1 C DC 1 ? C5    ? C DC 1 C5    
30 1 Y 1 C DC 1 ? C6    ? C DC 1 C6    
# 
loop_
_chem_comp_atom.comp_id 
_chem_comp_atom.atom_id 
_chem_comp_atom.type_symbol 
_chem_comp_atom.pdbx_aromatic_flag 
_chem_comp_atom.pdbx_stereo_config 
_chem_comp_atom.pdbx_ordinal 
BER C1     C  Y N 1   
BER C2     C  Y N 2   
BER N1     N  Y N 3   
BER C3     C  Y N 4   
BER C4     C  Y N 5   
BER C5     C  Y N 6   
BER C6     C  Y N 7   
BER C7     C  N N 8   
BER C8     C  Y N 9   
BER C9     C  Y N 10  
BER C10    C  N N 11  
BER C11    C  Y N 12  
BER C12    C  Y N 13  
BER C13    C  Y N 14  
BER C14    C  Y N 15  
BER O1     O  N N 16  
BER C15    C  Y N 17  
BER C16    C  Y N 18  
BER O2     O  N N 19  
BER C17    C  N N 20  
BER C18    C  Y N 21  
BER O3     O  N N 22  
BER O4     O  N N 23  
BER C19    C  N N 24  
BER C20    C  N N 25  
BER H31    H  N N 26  
BER H51    H  N N 27  
BER H61    H  N N 28  
BER H71    H  N N 29  
BER H72    H  N N 30  
BER H91    H  N N 31  
BER H101   H  N N 32  
BER H102   H  N N 33  
BER H131   H  N N 34  
BER H161   H  N N 35  
BER H171   H  N N 36  
BER H172   H  N N 37  
BER H191   H  N N 38  
BER H192   H  N N 39  
BER H193   H  N N 40  
BER H201   H  N N 41  
BER H202   H  N N 42  
BER H203   H  N N 43  
CA  CA     CA N N 44  
DA  OP3    O  N N 45  
DA  P      P  N N 46  
DA  OP1    O  N N 47  
DA  OP2    O  N N 48  
DA  "O5'"  O  N N 49  
DA  "C5'"  C  N N 50  
DA  "C4'"  C  N R 51  
DA  "O4'"  O  N N 52  
DA  "C3'"  C  N S 53  
DA  "O3'"  O  N N 54  
DA  "C2'"  C  N N 55  
DA  "C1'"  C  N R 56  
DA  N9     N  Y N 57  
DA  C8     C  Y N 58  
DA  N7     N  Y N 59  
DA  C5     C  Y N 60  
DA  C6     C  Y N 61  
DA  N6     N  N N 62  
DA  N1     N  Y N 63  
DA  C2     C  Y N 64  
DA  N3     N  Y N 65  
DA  C4     C  Y N 66  
DA  HOP3   H  N N 67  
DA  HOP2   H  N N 68  
DA  "H5'"  H  N N 69  
DA  "H5''" H  N N 70  
DA  "H4'"  H  N N 71  
DA  "H3'"  H  N N 72  
DA  "HO3'" H  N N 73  
DA  "H2'"  H  N N 74  
DA  "H2''" H  N N 75  
DA  "H1'"  H  N N 76  
DA  H8     H  N N 77  
DA  H61    H  N N 78  
DA  H62    H  N N 79  
DA  H2     H  N N 80  
DC  OP3    O  N N 81  
DC  P      P  N N 82  
DC  OP1    O  N N 83  
DC  OP2    O  N N 84  
DC  "O5'"  O  N N 85  
DC  "C5'"  C  N N 86  
DC  "C4'"  C  N R 87  
DC  "O4'"  O  N N 88  
DC  "C3'"  C  N S 89  
DC  "O3'"  O  N N 90  
DC  "C2'"  C  N N 91  
DC  "C1'"  C  N R 92  
DC  N1     N  N N 93  
DC  C2     C  N N 94  
DC  O2     O  N N 95  
DC  N3     N  N N 96  
DC  C4     C  N N 97  
DC  N4     N  N N 98  
DC  C5     C  N N 99  
DC  C6     C  N N 100 
DC  HOP3   H  N N 101 
DC  HOP2   H  N N 102 
DC  "H5'"  H  N N 103 
DC  "H5''" H  N N 104 
DC  "H4'"  H  N N 105 
DC  "H3'"  H  N N 106 
DC  "HO3'" H  N N 107 
DC  "H2'"  H  N N 108 
DC  "H2''" H  N N 109 
DC  "H1'"  H  N N 110 
DC  H41    H  N N 111 
DC  H42    H  N N 112 
DC  H5     H  N N 113 
DC  H6     H  N N 114 
DG  OP3    O  N N 115 
DG  P      P  N N 116 
DG  OP1    O  N N 117 
DG  OP2    O  N N 118 
DG  "O5'"  O  N N 119 
DG  "C5'"  C  N N 120 
DG  "C4'"  C  N R 121 
DG  "O4'"  O  N N 122 
DG  "C3'"  C  N S 123 
DG  "O3'"  O  N N 124 
DG  "C2'"  C  N N 125 
DG  "C1'"  C  N R 126 
DG  N9     N  Y N 127 
DG  C8     C  Y N 128 
DG  N7     N  Y N 129 
DG  C5     C  Y N 130 
DG  C6     C  N N 131 
DG  O6     O  N N 132 
DG  N1     N  N N 133 
DG  C2     C  N N 134 
DG  N2     N  N N 135 
DG  N3     N  N N 136 
DG  C4     C  Y N 137 
DG  HOP3   H  N N 138 
DG  HOP2   H  N N 139 
DG  "H5'"  H  N N 140 
DG  "H5''" H  N N 141 
DG  "H4'"  H  N N 142 
DG  "H3'"  H  N N 143 
DG  "HO3'" H  N N 144 
DG  "H2'"  H  N N 145 
DG  "H2''" H  N N 146 
DG  "H1'"  H  N N 147 
DG  H8     H  N N 148 
DG  H1     H  N N 149 
DG  H21    H  N N 150 
DG  H22    H  N N 151 
DT  OP3    O  N N 152 
DT  P      P  N N 153 
DT  OP1    O  N N 154 
DT  OP2    O  N N 155 
DT  "O5'"  O  N N 156 
DT  "C5'"  C  N N 157 
DT  "C4'"  C  N R 158 
DT  "O4'"  O  N N 159 
DT  "C3'"  C  N S 160 
DT  "O3'"  O  N N 161 
DT  "C2'"  C  N N 162 
DT  "C1'"  C  N R 163 
DT  N1     N  N N 164 
DT  C2     C  N N 165 
DT  O2     O  N N 166 
DT  N3     N  N N 167 
DT  C4     C  N N 168 
DT  O4     O  N N 169 
DT  C5     C  N N 170 
DT  C7     C  N N 171 
DT  C6     C  N N 172 
DT  HOP3   H  N N 173 
DT  HOP2   H  N N 174 
DT  "H5'"  H  N N 175 
DT  "H5''" H  N N 176 
DT  "H4'"  H  N N 177 
DT  "H3'"  H  N N 178 
DT  "HO3'" H  N N 179 
DT  "H2'"  H  N N 180 
DT  "H2''" H  N N 181 
DT  "H1'"  H  N N 182 
DT  H3     H  N N 183 
DT  H71    H  N N 184 
DT  H72    H  N N 185 
DT  H73    H  N N 186 
DT  H6     H  N N 187 
HOH O      O  N N 188 
HOH H1     H  N N 189 
HOH H2     H  N N 190 
# 
loop_
_chem_comp_bond.comp_id 
_chem_comp_bond.atom_id_1 
_chem_comp_bond.atom_id_2 
_chem_comp_bond.value_order 
_chem_comp_bond.pdbx_aromatic_flag 
_chem_comp_bond.pdbx_stereo_config 
_chem_comp_bond.pdbx_ordinal 
BER C1    C2     sing Y N 1   
BER C1    N1     doub Y N 2   
BER C1    C3     sing Y N 3   
BER C2    C4     doub Y N 4   
BER C2    C5     sing Y N 5   
BER N1    C6     sing Y N 6   
BER N1    C7     sing N N 7   
BER C3    C8     doub Y N 8   
BER C3    H31    sing N N 9   
BER C4    C9     sing Y N 10  
BER C4    C10    sing N N 11  
BER C5    C11    doub Y N 12  
BER C5    H51    sing N N 13  
BER C6    C12    doub Y N 14  
BER C6    H61    sing N N 15  
BER C7    C10    sing N N 16  
BER C7    H71    sing N N 17  
BER C7    H72    sing N N 18  
BER C8    C12    sing Y N 19  
BER C8    C13    sing Y N 20  
BER C9    C14    doub Y N 21  
BER C9    H91    sing N N 22  
BER C10   H101   sing N N 23  
BER C10   H102   sing N N 24  
BER C11   C14    sing Y N 25  
BER C11   O1     sing N N 26  
BER C12   C15    sing Y N 27  
BER C13   C16    doub Y N 28  
BER C13   H131   sing N N 29  
BER C14   O2     sing N N 30  
BER O1    C17    sing N N 31  
BER C15   C18    doub Y N 32  
BER C15   O3     sing N N 33  
BER C16   C18    sing Y N 34  
BER C16   H161   sing N N 35  
BER O2    C17    sing N N 36  
BER C17   H171   sing N N 37  
BER C17   H172   sing N N 38  
BER C18   O4     sing N N 39  
BER O3    C19    sing N N 40  
BER O4    C20    sing N N 41  
BER C19   H191   sing N N 42  
BER C19   H192   sing N N 43  
BER C19   H193   sing N N 44  
BER C20   H201   sing N N 45  
BER C20   H202   sing N N 46  
BER C20   H203   sing N N 47  
DA  OP3   P      sing N N 48  
DA  OP3   HOP3   sing N N 49  
DA  P     OP1    doub N N 50  
DA  P     OP2    sing N N 51  
DA  P     "O5'"  sing N N 52  
DA  OP2   HOP2   sing N N 53  
DA  "O5'" "C5'"  sing N N 54  
DA  "C5'" "C4'"  sing N N 55  
DA  "C5'" "H5'"  sing N N 56  
DA  "C5'" "H5''" sing N N 57  
DA  "C4'" "O4'"  sing N N 58  
DA  "C4'" "C3'"  sing N N 59  
DA  "C4'" "H4'"  sing N N 60  
DA  "O4'" "C1'"  sing N N 61  
DA  "C3'" "O3'"  sing N N 62  
DA  "C3'" "C2'"  sing N N 63  
DA  "C3'" "H3'"  sing N N 64  
DA  "O3'" "HO3'" sing N N 65  
DA  "C2'" "C1'"  sing N N 66  
DA  "C2'" "H2'"  sing N N 67  
DA  "C2'" "H2''" sing N N 68  
DA  "C1'" N9     sing N N 69  
DA  "C1'" "H1'"  sing N N 70  
DA  N9    C8     sing Y N 71  
DA  N9    C4     sing Y N 72  
DA  C8    N7     doub Y N 73  
DA  C8    H8     sing N N 74  
DA  N7    C5     sing Y N 75  
DA  C5    C6     sing Y N 76  
DA  C5    C4     doub Y N 77  
DA  C6    N6     sing N N 78  
DA  C6    N1     doub Y N 79  
DA  N6    H61    sing N N 80  
DA  N6    H62    sing N N 81  
DA  N1    C2     sing Y N 82  
DA  C2    N3     doub Y N 83  
DA  C2    H2     sing N N 84  
DA  N3    C4     sing Y N 85  
DC  OP3   P      sing N N 86  
DC  OP3   HOP3   sing N N 87  
DC  P     OP1    doub N N 88  
DC  P     OP2    sing N N 89  
DC  P     "O5'"  sing N N 90  
DC  OP2   HOP2   sing N N 91  
DC  "O5'" "C5'"  sing N N 92  
DC  "C5'" "C4'"  sing N N 93  
DC  "C5'" "H5'"  sing N N 94  
DC  "C5'" "H5''" sing N N 95  
DC  "C4'" "O4'"  sing N N 96  
DC  "C4'" "C3'"  sing N N 97  
DC  "C4'" "H4'"  sing N N 98  
DC  "O4'" "C1'"  sing N N 99  
DC  "C3'" "O3'"  sing N N 100 
DC  "C3'" "C2'"  sing N N 101 
DC  "C3'" "H3'"  sing N N 102 
DC  "O3'" "HO3'" sing N N 103 
DC  "C2'" "C1'"  sing N N 104 
DC  "C2'" "H2'"  sing N N 105 
DC  "C2'" "H2''" sing N N 106 
DC  "C1'" N1     sing N N 107 
DC  "C1'" "H1'"  sing N N 108 
DC  N1    C2     sing N N 109 
DC  N1    C6     sing N N 110 
DC  C2    O2     doub N N 111 
DC  C2    N3     sing N N 112 
DC  N3    C4     doub N N 113 
DC  C4    N4     sing N N 114 
DC  C4    C5     sing N N 115 
DC  N4    H41    sing N N 116 
DC  N4    H42    sing N N 117 
DC  C5    C6     doub N N 118 
DC  C5    H5     sing N N 119 
DC  C6    H6     sing N N 120 
DG  OP3   P      sing N N 121 
DG  OP3   HOP3   sing N N 122 
DG  P     OP1    doub N N 123 
DG  P     OP2    sing N N 124 
DG  P     "O5'"  sing N N 125 
DG  OP2   HOP2   sing N N 126 
DG  "O5'" "C5'"  sing N N 127 
DG  "C5'" "C4'"  sing N N 128 
DG  "C5'" "H5'"  sing N N 129 
DG  "C5'" "H5''" sing N N 130 
DG  "C4'" "O4'"  sing N N 131 
DG  "C4'" "C3'"  sing N N 132 
DG  "C4'" "H4'"  sing N N 133 
DG  "O4'" "C1'"  sing N N 134 
DG  "C3'" "O3'"  sing N N 135 
DG  "C3'" "C2'"  sing N N 136 
DG  "C3'" "H3'"  sing N N 137 
DG  "O3'" "HO3'" sing N N 138 
DG  "C2'" "C1'"  sing N N 139 
DG  "C2'" "H2'"  sing N N 140 
DG  "C2'" "H2''" sing N N 141 
DG  "C1'" N9     sing N N 142 
DG  "C1'" "H1'"  sing N N 143 
DG  N9    C8     sing Y N 144 
DG  N9    C4     sing Y N 145 
DG  C8    N7     doub Y N 146 
DG  C8    H8     sing N N 147 
DG  N7    C5     sing Y N 148 
DG  C5    C6     sing N N 149 
DG  C5    C4     doub Y N 150 
DG  C6    O6     doub N N 151 
DG  C6    N1     sing N N 152 
DG  N1    C2     sing N N 153 
DG  N1    H1     sing N N 154 
DG  C2    N2     sing N N 155 
DG  C2    N3     doub N N 156 
DG  N2    H21    sing N N 157 
DG  N2    H22    sing N N 158 
DG  N3    C4     sing N N 159 
DT  OP3   P      sing N N 160 
DT  OP3   HOP3   sing N N 161 
DT  P     OP1    doub N N 162 
DT  P     OP2    sing N N 163 
DT  P     "O5'"  sing N N 164 
DT  OP2   HOP2   sing N N 165 
DT  "O5'" "C5'"  sing N N 166 
DT  "C5'" "C4'"  sing N N 167 
DT  "C5'" "H5'"  sing N N 168 
DT  "C5'" "H5''" sing N N 169 
DT  "C4'" "O4'"  sing N N 170 
DT  "C4'" "C3'"  sing N N 171 
DT  "C4'" "H4'"  sing N N 172 
DT  "O4'" "C1'"  sing N N 173 
DT  "C3'" "O3'"  sing N N 174 
DT  "C3'" "C2'"  sing N N 175 
DT  "C3'" "H3'"  sing N N 176 
DT  "O3'" "HO3'" sing N N 177 
DT  "C2'" "C1'"  sing N N 178 
DT  "C2'" "H2'"  sing N N 179 
DT  "C2'" "H2''" sing N N 180 
DT  "C1'" N1     sing N N 181 
DT  "C1'" "H1'"  sing N N 182 
DT  N1    C2     sing N N 183 
DT  N1    C6     sing N N 184 
DT  C2    O2     doub N N 185 
DT  C2    N3     sing N N 186 
DT  N3    C4     sing N N 187 
DT  N3    H3     sing N N 188 
DT  C4    O4     doub N N 189 
DT  C4    C5     sing N N 190 
DT  C5    C7     sing N N 191 
DT  C5    C6     doub N N 192 
DT  C7    H71    sing N N 193 
DT  C7    H72    sing N N 194 
DT  C7    H73    sing N N 195 
DT  C6    H6     sing N N 196 
HOH O     H1     sing N N 197 
HOH O     H2     sing N N 198 
# 
loop_
_ndb_struct_conf_na.entry_id 
_ndb_struct_conf_na.feature 
3NP6 'double helix'         
3NP6 'b-form double helix'  
3NP6 'mismatched base pair' 
# 
loop_
_ndb_struct_na_base_pair.model_number 
_ndb_struct_na_base_pair.i_label_asym_id 
_ndb_struct_na_base_pair.i_label_comp_id 
_ndb_struct_na_base_pair.i_label_seq_id 
_ndb_struct_na_base_pair.i_symmetry 
_ndb_struct_na_base_pair.j_label_asym_id 
_ndb_struct_na_base_pair.j_label_comp_id 
_ndb_struct_na_base_pair.j_label_seq_id 
_ndb_struct_na_base_pair.j_symmetry 
_ndb_struct_na_base_pair.shear 
_ndb_struct_na_base_pair.stretch 
_ndb_struct_na_base_pair.stagger 
_ndb_struct_na_base_pair.buckle 
_ndb_struct_na_base_pair.propeller 
_ndb_struct_na_base_pair.opening 
_ndb_struct_na_base_pair.pair_number 
_ndb_struct_na_base_pair.pair_name 
_ndb_struct_na_base_pair.i_auth_asym_id 
_ndb_struct_na_base_pair.i_auth_seq_id 
_ndb_struct_na_base_pair.i_PDB_ins_code 
_ndb_struct_na_base_pair.j_auth_asym_id 
_ndb_struct_na_base_pair.j_auth_seq_id 
_ndb_struct_na_base_pair.j_PDB_ins_code 
_ndb_struct_na_base_pair.hbond_type_28 
_ndb_struct_na_base_pair.hbond_type_12 
1 B DG 2 1_555 A DC 5 1_555 -0.241 -0.176 0.041  -12.422 -2.953 1.525  1 B_DG8:DC5_A  B 8  ? A 5  ? 19 1 
1 B DT 3 1_555 A DA 4 1_555 -0.280 0.105  -0.071 2.974   -5.637 -2.967 2 B_DT9:DA4_A  B 9  ? A 4  ? 20 1 
1 B DA 4 1_555 A DT 3 1_555 0.194  -0.119 0.147  2.760   -6.299 -2.803 3 B_DA10:DT3_A B 10 ? A 3  ? 20 1 
1 B DC 5 1_555 A DG 2 1_555 0.478  -0.087 0.142  5.535   -0.591 3.858  4 B_DC11:DG2_A B 11 ? A 2  ? 19 1 
1 C DG 2 1_555 D DC 5 1_555 -0.243 -0.301 0.040  -5.985  0.988  2.581  5 C_DG2:DC11_D C 2  ? D 11 ? 19 1 
1 C DT 3 1_555 D DA 4 1_555 -0.474 -0.329 0.306  -0.963  -5.912 -0.672 6 C_DT3:DA10_D C 3  ? D 10 ? 20 1 
1 C DA 4 1_555 D DT 3 1_555 -0.109 0.012  0.092  0.480   -1.774 -0.391 7 C_DA4:DT9_D  C 4  ? D 9  ? 20 1 
1 C DC 5 1_555 D DG 2 1_555 0.457  0.175  -0.123 16.259  3.015  2.526  8 C_DC5:DG8_D  C 5  ? D 8  ? 19 1 
# 
loop_
_ndb_struct_na_base_pair_step.model_number 
_ndb_struct_na_base_pair_step.i_label_asym_id_1 
_ndb_struct_na_base_pair_step.i_label_comp_id_1 
_ndb_struct_na_base_pair_step.i_label_seq_id_1 
_ndb_struct_na_base_pair_step.i_symmetry_1 
_ndb_struct_na_base_pair_step.j_label_asym_id_1 
_ndb_struct_na_base_pair_step.j_label_comp_id_1 
_ndb_struct_na_base_pair_step.j_label_seq_id_1 
_ndb_struct_na_base_pair_step.j_symmetry_1 
_ndb_struct_na_base_pair_step.i_label_asym_id_2 
_ndb_struct_na_base_pair_step.i_label_comp_id_2 
_ndb_struct_na_base_pair_step.i_label_seq_id_2 
_ndb_struct_na_base_pair_step.i_symmetry_2 
_ndb_struct_na_base_pair_step.j_label_asym_id_2 
_ndb_struct_na_base_pair_step.j_label_comp_id_2 
_ndb_struct_na_base_pair_step.j_label_seq_id_2 
_ndb_struct_na_base_pair_step.j_symmetry_2 
_ndb_struct_na_base_pair_step.shift 
_ndb_struct_na_base_pair_step.slide 
_ndb_struct_na_base_pair_step.rise 
_ndb_struct_na_base_pair_step.tilt 
_ndb_struct_na_base_pair_step.roll 
_ndb_struct_na_base_pair_step.twist 
_ndb_struct_na_base_pair_step.x_displacement 
_ndb_struct_na_base_pair_step.y_displacement 
_ndb_struct_na_base_pair_step.helical_rise 
_ndb_struct_na_base_pair_step.inclination 
_ndb_struct_na_base_pair_step.tip 
_ndb_struct_na_base_pair_step.helical_twist 
_ndb_struct_na_base_pair_step.step_number 
_ndb_struct_na_base_pair_step.step_name 
_ndb_struct_na_base_pair_step.i_auth_asym_id_1 
_ndb_struct_na_base_pair_step.i_auth_seq_id_1 
_ndb_struct_na_base_pair_step.i_PDB_ins_code_1 
_ndb_struct_na_base_pair_step.j_auth_asym_id_1 
_ndb_struct_na_base_pair_step.j_auth_seq_id_1 
_ndb_struct_na_base_pair_step.j_PDB_ins_code_1 
_ndb_struct_na_base_pair_step.i_auth_asym_id_2 
_ndb_struct_na_base_pair_step.i_auth_seq_id_2 
_ndb_struct_na_base_pair_step.i_PDB_ins_code_2 
_ndb_struct_na_base_pair_step.j_auth_asym_id_2 
_ndb_struct_na_base_pair_step.j_auth_seq_id_2 
_ndb_struct_na_base_pair_step.j_PDB_ins_code_2 
1 B DG 2 1_555 A DC 5 1_555 B DT 3 1_555 A DA 4 1_555 -1.025 -0.562 3.061 2.669  1.546 30.479  -1.343 2.424  2.931 2.932  -5.060 
30.631  1 BB_DG8DT9:DA4DC5_AA   B 8  ? A 5  ? B 9  ? A 4  ? 
1 B DT 3 1_555 A DA 4 1_555 B DA 4 1_555 A DT 3 1_555 -0.133 -0.171 3.242 -2.256 2.449 39.916  -0.527 -0.062 3.229 3.581  3.297  
40.049  2 BB_DT9DA10:DT3DA4_AA  B 9  ? A 4  ? B 10 ? A 3  ? 
1 B DA 4 1_555 A DT 3 1_555 B DC 5 1_555 A DG 2 1_555 0.462  -0.197 3.397 -0.239 2.622 28.359  -1.021 -0.996 3.362 5.336  0.487  
28.479  3 BB_DA10DC11:DG2DT3_AA B 10 ? A 3  ? B 11 ? A 2  ? 
1 B DC 5 1_555 A DG 2 1_555 C DG 2 1_555 D DC 5 1_555 -0.016 0.948  3.516 0.774  4.400 -70.766 -0.980 0.015  3.459 -3.796 0.668  
-70.888 4 BC_DC11DG2:DC11DG2_DA B 11 ? A 2  ? C 2  ? D 11 ? 
1 C DG 2 1_555 D DC 5 1_555 C DT 3 1_555 D DA 4 1_555 -0.485 -0.440 3.319 -2.016 1.313 24.370  -1.451 0.507  3.320 3.101  4.761  
24.487  5 CC_DG2DT3:DA10DC11_DD C 2  ? D 11 ? C 3  ? D 10 ? 
1 C DT 3 1_555 D DA 4 1_555 C DA 4 1_555 D DT 3 1_555 0.270  -0.226 3.218 1.970  1.836 40.484  -0.527 -0.173 3.214 2.650  -2.843 
40.570  6 CC_DT3DA4:DT9DA10_DD  C 3  ? D 10 ? C 4  ? D 9  ? 
1 C DA 4 1_555 D DT 3 1_555 C DC 5 1_555 D DG 2 1_555 1.011  -0.509 3.128 -1.075 4.716 30.255  -1.839 -2.114 2.979 8.963  2.044  
30.631  7 CC_DA4DC5:DG8DT9_DD   C 4  ? D 9  ? C 5  ? D 8  ? 
# 
loop_
_pdbx_entity_nonpoly.entity_id 
_pdbx_entity_nonpoly.name 
_pdbx_entity_nonpoly.comp_id 
2 'CALCIUM ION' CA  
3 BERBERINE     BER 
4 water         HOH 
# 
_pdbx_initial_refinement_model.id               1 
_pdbx_initial_refinement_model.entity_id_list   ? 
_pdbx_initial_refinement_model.type             'experimental model' 
_pdbx_initial_refinement_model.source_name      PDB 
_pdbx_initial_refinement_model.accession_code   1XCS 
_pdbx_initial_refinement_model.details          'PDB ENTRY 1XCS' 
# 
loop_
_pdbx_reflns_twin.domain_id 
_pdbx_reflns_twin.crystal_id 
_pdbx_reflns_twin.diffrn_id 
_pdbx_reflns_twin.fraction 
_pdbx_reflns_twin.operator 
_pdbx_reflns_twin.type 
_pdbx_reflns_twin.mean_F_square_over_mean_F2 
_pdbx_reflns_twin.mean_I2_over_mean_I_square 
1 1 1 0.914 'H,  K,  L' ? ? ? 
2 1 1 0.086 -h,-k,l     ? ? ? 
# 
